data_7KWD
#
_entry.id   7KWD
#
_cell.length_a   163.175
_cell.length_b   163.175
_cell.length_c   163.175
_cell.angle_alpha   90.000
_cell.angle_beta   90.000
_cell.angle_gamma   90.000
#
_symmetry.space_group_name_H-M   'P 21 3'
#
loop_
_entity.id
_entity.type
_entity.pdbx_description
1 polymer 'Alkaline phosphatase'
2 non-polymer 'L(+)-TARTARIC ACID'
3 non-polymer 'MAGNESIUM ION'
4 non-polymer 'ZINC ION'
5 water water
#
_entity_poly.entity_id   1
_entity_poly.type   'polypeptide(L)'
_entity_poly.pdbx_seq_one_letter_code
;MKRRDILKGGLAAGALALLPRGHTQGALQNQPSLGRRYRNLIVFVYDGFSWEDYAIAQAYARRRQGRVLALERLLARYPN
GLINTYSLTSYVTESSAAGNAFSCGVKTVNGGLAIHADGTPLKPFFAAAKEAGKAVGLVTTTTVTHATPASFVISNPDRN
AEERIAEQYLEFGAEVYLGGGDRFFNPARRKDGKDLYAAFAAKGYGVVRTPEELVRSNATRLLGVFADGHVPYEIDRRFQ
GLGVPSLKEMVQAALPRLAAHRGGFVLQVEAGRIDHANHLNDAGATLWDVLAADEVLELLTAFVDRNPDTLLIVVSDHAT
GVGGLYGAGRSYLESSQGVDLLEPQRASFEHMLRVLGQAPEASQVKEAFRAMKGVDLEDAEAERVVRAIREKVYWPEGVR
QGVQPANTMAWAMVQRDAQKPDRPNIGWSSGQHTASPVMLLLYGQGLRFVNLGLVDNTHVFRLMGEALGLRYQNPVMSEE
EALEILKARPQGMRHPEDVWA
;
_entity_poly.pdbx_strand_id   A,B
#
# COMPACT_ATOMS: atom_id res chain seq x y z
N ALA A 17 -22.06 -0.04 20.65
CA ALA A 17 -21.39 -0.74 21.74
C ALA A 17 -21.59 -2.27 21.61
N LEU A 18 -22.12 -2.72 20.48
CA LEU A 18 -21.93 -4.10 20.06
C LEU A 18 -21.53 -4.08 18.58
N LEU A 19 -21.31 -5.25 18.05
CA LEU A 19 -20.45 -5.39 16.89
C LEU A 19 -21.15 -4.97 15.60
N PRO A 20 -20.37 -4.50 14.63
CA PRO A 20 -20.96 -4.08 13.35
C PRO A 20 -21.62 -5.24 12.63
N ARG A 21 -22.68 -4.91 11.89
CA ARG A 21 -23.35 -5.89 11.06
C ARG A 21 -22.33 -6.55 10.13
N GLY A 22 -22.32 -7.88 10.12
CA GLY A 22 -21.33 -8.64 9.36
C GLY A 22 -20.12 -9.09 10.14
N HIS A 23 -20.05 -8.81 11.45
CA HIS A 23 -18.86 -9.15 12.21
C HIS A 23 -18.53 -10.64 12.12
N THR A 24 -19.53 -11.51 11.97
CA THR A 24 -19.23 -12.94 11.93
C THR A 24 -18.43 -13.33 10.70
N GLN A 25 -18.30 -12.43 9.73
CA GLN A 25 -17.58 -12.69 8.50
C GLN A 25 -16.43 -11.73 8.26
N GLY A 26 -16.04 -10.96 9.27
CA GLY A 26 -14.96 -10.01 9.13
C GLY A 26 -13.58 -10.62 9.33
N ALA A 27 -12.57 -9.76 9.16
CA ALA A 27 -11.18 -10.23 9.18
C ALA A 27 -10.81 -10.79 10.53
N LEU A 28 -11.45 -10.30 11.58
CA LEU A 28 -11.11 -10.78 12.91
C LEU A 28 -11.46 -12.25 13.06
N GLN A 29 -12.55 -12.71 12.43
CA GLN A 29 -12.95 -14.10 12.50
C GLN A 29 -12.29 -14.95 11.44
N ASN A 30 -11.38 -14.39 10.65
CA ASN A 30 -10.60 -15.13 9.66
C ASN A 30 -9.32 -15.57 10.36
N GLN A 31 -9.31 -16.80 10.86
CA GLN A 31 -8.27 -17.32 11.75
C GLN A 31 -7.72 -18.62 11.17
N PRO A 32 -7.07 -18.53 10.03
CA PRO A 32 -6.61 -19.75 9.37
C PRO A 32 -5.54 -20.46 10.18
N SER A 33 -5.57 -21.78 10.11
CA SER A 33 -4.67 -22.65 10.83
C SER A 33 -3.46 -22.97 9.99
N LEU A 34 -2.33 -23.16 10.67
CA LEU A 34 -1.13 -23.70 10.01
C LEU A 34 -1.33 -25.16 9.61
N GLY A 35 -1.93 -25.95 10.48
CA GLY A 35 -2.00 -27.39 10.25
C GLY A 35 -0.69 -28.12 10.37
N ARG A 36 0.34 -27.49 10.95
CA ARG A 36 1.66 -28.08 11.14
C ARG A 36 2.16 -27.67 12.52
N ARG A 37 3.08 -28.45 13.05
CA ARG A 37 3.73 -28.17 14.32
C ARG A 37 5.23 -28.07 14.09
N TYR A 38 5.90 -27.32 14.97
CA TYR A 38 7.28 -26.97 14.82
C TYR A 38 7.92 -26.96 16.19
N ARG A 39 9.25 -27.09 16.21
CA ARG A 39 10.03 -26.95 17.42
C ARG A 39 10.64 -25.56 17.57
N ASN A 40 10.95 -24.89 16.46
CA ASN A 40 11.62 -23.60 16.47
C ASN A 40 10.78 -22.59 15.68
N LEU A 41 10.89 -21.33 16.08
CA LEU A 41 10.11 -20.25 15.49
C LEU A 41 11.03 -19.06 15.32
N ILE A 42 11.10 -18.54 14.11
CA ILE A 42 11.79 -17.29 13.82
C ILE A 42 10.74 -16.30 13.35
N VAL A 43 10.72 -15.12 13.95
CA VAL A 43 9.80 -14.05 13.55
C VAL A 43 10.64 -12.87 13.04
N PHE A 44 10.49 -12.52 11.78
CA PHE A 44 11.27 -11.47 11.12
C PHE A 44 10.30 -10.32 10.89
N VAL A 45 10.43 -9.28 11.70
CA VAL A 45 9.56 -8.10 11.59
C VAL A 45 10.25 -7.06 10.71
N TYR A 46 9.56 -6.64 9.65
CA TYR A 46 9.91 -5.46 8.86
C TYR A 46 9.13 -4.29 9.43
N ASP A 47 9.76 -3.48 10.29
CA ASP A 47 9.05 -2.41 10.96
C ASP A 47 8.77 -1.26 10.00
N GLY A 48 7.51 -0.86 9.91
CA GLY A 48 7.13 0.28 9.08
C GLY A 48 7.12 0.04 7.58
N PHE A 49 7.13 -1.23 7.16
CA PHE A 49 7.34 -1.61 5.77
C PHE A 49 6.03 -1.61 5.01
N SER A 50 5.96 -0.77 4.00
CA SER A 50 4.74 -0.64 3.19
C SER A 50 4.92 -1.32 1.85
N TRP A 51 3.81 -1.43 1.11
CA TRP A 51 3.86 -1.99 -0.24
C TRP A 51 4.50 -1.01 -1.21
N GLU A 52 4.54 0.27 -0.89
CA GLU A 52 5.32 1.17 -1.74
C GLU A 52 6.80 0.89 -1.57
N ASP A 53 7.27 0.69 -0.32
CA ASP A 53 8.67 0.33 -0.14
C ASP A 53 9.01 -0.93 -0.92
N TYR A 54 8.10 -1.91 -0.85
CA TYR A 54 8.37 -3.17 -1.52
C TYR A 54 8.61 -2.95 -3.01
N ALA A 55 7.74 -2.18 -3.64
CA ALA A 55 7.82 -1.97 -5.08
C ALA A 55 9.14 -1.31 -5.47
N ILE A 56 9.59 -0.33 -4.66
CA ILE A 56 10.86 0.35 -4.95
C ILE A 56 12.04 -0.61 -4.84
N ALA A 57 12.10 -1.40 -3.76
CA ALA A 57 13.22 -2.32 -3.62
C ALA A 57 13.19 -3.43 -4.66
N GLN A 58 11.99 -3.95 -4.94
CA GLN A 58 11.81 -4.95 -6.01
C GLN A 58 12.38 -4.45 -7.33
N ALA A 59 12.05 -3.19 -7.69
CA ALA A 59 12.52 -2.62 -8.93
C ALA A 59 14.00 -2.35 -8.87
N TYR A 60 14.47 -1.82 -7.74
CA TYR A 60 15.89 -1.48 -7.65
C TYR A 60 16.76 -2.73 -7.80
N ALA A 61 16.40 -3.82 -7.12
CA ALA A 61 17.20 -5.03 -7.24
C ALA A 61 17.28 -5.50 -8.70
N ARG A 62 16.14 -5.52 -9.39
CA ARG A 62 16.15 -6.00 -10.77
C ARG A 62 16.88 -5.03 -11.67
N ARG A 63 16.49 -3.74 -11.62
CA ARG A 63 16.97 -2.75 -12.58
C ARG A 63 18.41 -2.33 -12.32
N ARG A 64 18.81 -2.16 -11.06
CA ARG A 64 20.13 -1.63 -10.78
C ARG A 64 21.11 -2.67 -10.27
N GLN A 65 20.64 -3.81 -9.79
CA GLN A 65 21.54 -4.86 -9.37
C GLN A 65 21.39 -6.11 -10.20
N GLY A 66 20.50 -6.09 -11.20
CA GLY A 66 20.31 -7.28 -12.04
C GLY A 66 20.00 -8.54 -11.28
N ARG A 67 19.24 -8.43 -10.19
CA ARG A 67 18.90 -9.59 -9.35
C ARG A 67 17.44 -9.49 -8.92
N VAL A 68 16.84 -10.64 -8.66
CA VAL A 68 15.50 -10.70 -8.08
C VAL A 68 15.63 -10.67 -6.55
N LEU A 69 14.98 -9.69 -5.92
CA LEU A 69 14.91 -9.60 -4.48
C LEU A 69 14.43 -10.90 -3.85
N ALA A 70 15.11 -11.35 -2.79
CA ALA A 70 14.69 -12.57 -2.15
C ALA A 70 13.24 -12.48 -1.67
N LEU A 71 12.84 -11.32 -1.17
CA LEU A 71 11.46 -11.17 -0.72
C LEU A 71 10.48 -11.36 -1.88
N GLU A 72 10.82 -10.89 -3.08
CA GLU A 72 9.94 -11.16 -4.21
C GLU A 72 9.79 -12.67 -4.43
N ARG A 73 10.91 -13.40 -4.42
CA ARG A 73 10.85 -14.85 -4.63
C ARG A 73 9.93 -15.52 -3.60
N LEU A 74 10.00 -15.06 -2.32
CA LEU A 74 9.15 -15.65 -1.30
C LEU A 74 7.68 -15.30 -1.55
N LEU A 75 7.38 -14.04 -1.80
CA LEU A 75 5.98 -13.69 -2.02
C LEU A 75 5.40 -14.35 -3.28
N ALA A 76 6.26 -14.74 -4.21
CA ALA A 76 5.89 -15.38 -5.46
C ALA A 76 5.74 -16.88 -5.32
N ARG A 77 5.92 -17.43 -4.12
CA ARG A 77 5.89 -18.87 -3.96
C ARG A 77 5.25 -19.35 -2.66
N TYR A 78 5.44 -18.65 -1.59
CA TYR A 78 5.03 -19.19 -0.30
C TYR A 78 3.79 -18.49 0.19
N PRO A 79 3.06 -19.10 1.15
CA PRO A 79 1.79 -18.52 1.58
C PRO A 79 1.99 -17.12 2.14
N ASN A 80 1.23 -16.17 1.61
CA ASN A 80 1.27 -14.85 2.21
C ASN A 80 -0.09 -14.18 2.08
N GLY A 81 -0.30 -13.24 2.96
CA GLY A 81 -1.52 -12.47 3.02
C GLY A 81 -1.24 -11.13 3.68
N LEU A 82 -2.27 -10.66 4.38
CA LEU A 82 -2.35 -9.28 4.81
C LEU A 82 -2.82 -9.26 6.26
N ILE A 83 -2.25 -8.34 7.04
CA ILE A 83 -2.77 -8.11 8.38
C ILE A 83 -3.33 -6.69 8.49
N ASN A 84 -4.46 -6.57 9.20
CA ASN A 84 -4.93 -5.28 9.70
C ASN A 84 -4.11 -4.88 10.93
N THR A 85 -3.71 -3.61 10.97
CA THR A 85 -2.77 -3.15 11.99
C THR A 85 -3.38 -2.22 13.02
N TYR A 86 -4.65 -1.88 12.88
CA TYR A 86 -5.25 -0.93 13.81
C TYR A 86 -5.14 -1.41 15.25
N SER A 87 -4.97 -0.46 16.16
CA SER A 87 -4.89 -0.76 17.58
C SER A 87 -6.30 -0.61 18.19
N LEU A 88 -6.39 -0.60 19.52
CA LEU A 88 -7.70 -0.72 20.17
C LEU A 88 -8.58 0.52 19.95
N THR A 89 -7.98 1.71 19.96
CA THR A 89 -8.70 2.97 19.83
C THR A 89 -8.28 3.83 18.65
N SER A 90 -7.36 3.35 17.79
CA SER A 90 -6.87 4.16 16.68
C SER A 90 -6.67 3.30 15.45
N TYR A 91 -7.17 3.76 14.32
CA TYR A 91 -6.93 3.08 13.06
C TYR A 91 -5.51 3.18 12.58
N VAL A 92 -4.65 3.90 13.29
CA VAL A 92 -3.22 3.89 13.01
C VAL A 92 -2.48 3.52 14.28
N THR A 93 -1.79 2.39 14.25
CA THR A 93 -1.12 1.88 15.44
C THR A 93 0.24 2.52 15.55
N GLU A 94 0.87 2.37 16.70
CA GLU A 94 2.34 2.46 16.72
C GLU A 94 2.89 1.11 17.18
N SER A 95 4.21 1.10 17.42
CA SER A 95 4.94 -0.15 17.45
C SER A 95 4.61 -1.01 18.67
N SER A 96 4.36 -0.40 19.84
CA SER A 96 4.11 -1.22 21.03
C SER A 96 2.77 -1.94 20.92
N ALA A 97 1.71 -1.24 20.50
CA ALA A 97 0.44 -1.91 20.32
C ALA A 97 0.53 -2.94 19.19
N ALA A 98 1.28 -2.65 18.15
CA ALA A 98 1.41 -3.63 17.06
C ALA A 98 2.15 -4.86 17.55
N GLY A 99 3.26 -4.65 18.26
CA GLY A 99 4.00 -5.77 18.82
C GLY A 99 3.16 -6.54 19.81
N ASN A 100 2.40 -5.82 20.64
CA ASN A 100 1.50 -6.46 21.58
C ASN A 100 0.49 -7.36 20.87
N ALA A 101 -0.05 -6.91 19.75
CA ALA A 101 -0.99 -7.73 19.01
C ALA A 101 -0.33 -9.04 18.61
N PHE A 102 0.91 -8.95 18.12
CA PHE A 102 1.64 -10.16 17.77
C PHE A 102 1.90 -11.03 19.01
N SER A 103 2.41 -10.42 20.09
CA SER A 103 2.99 -11.20 21.17
C SER A 103 1.96 -11.58 22.22
N CYS A 104 0.83 -10.87 22.29
CA CYS A 104 -0.18 -11.13 23.29
C CYS A 104 -1.53 -11.53 22.73
N GLY A 105 -1.79 -11.29 21.44
CA GLY A 105 -3.01 -11.73 20.80
C GLY A 105 -4.22 -10.86 21.04
N VAL A 106 -4.03 -9.66 21.55
CA VAL A 106 -5.13 -8.77 21.88
C VAL A 106 -4.74 -7.36 21.49
N LYS A 107 -5.75 -6.54 21.22
CA LYS A 107 -5.53 -5.14 20.90
C LYS A 107 -5.27 -4.39 22.18
N THR A 108 -4.29 -3.50 22.15
CA THR A 108 -3.98 -2.62 23.28
C THR A 108 -4.00 -1.18 22.78
N VAL A 109 -3.95 -0.28 23.74
CA VAL A 109 -3.80 1.14 23.47
C VAL A 109 -2.35 1.42 23.11
N ASN A 110 -2.14 2.34 22.16
CA ASN A 110 -0.77 2.69 21.76
C ASN A 110 0.03 3.12 22.98
N GLY A 111 1.21 2.53 23.17
CA GLY A 111 2.09 3.06 24.21
C GLY A 111 2.72 2.12 25.22
N GLY A 112 1.95 1.22 25.79
CA GLY A 112 2.49 0.26 26.71
C GLY A 112 2.96 -1.05 26.06
N LEU A 113 3.87 -1.73 26.75
CA LEU A 113 4.41 -3.01 26.33
C LEU A 113 3.74 -4.12 27.10
N ALA A 114 3.09 -5.05 26.38
CA ALA A 114 2.42 -6.20 26.99
C ALA A 114 1.61 -5.78 28.22
N ILE A 115 0.72 -4.81 28.00
CA ILE A 115 -0.08 -4.26 29.09
C ILE A 115 -1.24 -3.50 28.48
N HIS A 116 -2.34 -3.42 29.23
CA HIS A 116 -3.49 -2.65 28.82
C HIS A 116 -3.43 -1.25 29.40
N ALA A 117 -4.27 -0.35 28.87
CA ALA A 117 -4.22 1.03 29.32
C ALA A 117 -4.51 1.20 30.80
N ASP A 118 -5.10 0.19 31.44
CA ASP A 118 -5.42 0.26 32.85
C ASP A 118 -4.34 -0.40 33.70
N GLY A 119 -3.26 -0.84 33.08
CA GLY A 119 -2.20 -1.50 33.82
C GLY A 119 -2.28 -3.00 33.90
N THR A 120 -3.37 -3.61 33.44
CA THR A 120 -3.44 -5.07 33.42
C THR A 120 -2.26 -5.66 32.66
N PRO A 121 -1.42 -6.47 33.29
CA PRO A 121 -0.30 -7.04 32.54
C PRO A 121 -0.76 -8.18 31.66
N LEU A 122 -0.07 -8.31 30.54
CA LEU A 122 -0.28 -9.39 29.58
C LEU A 122 0.96 -10.26 29.56
N LYS A 123 0.79 -11.52 29.20
CA LYS A 123 1.92 -12.42 29.09
C LYS A 123 2.30 -12.53 27.64
N PRO A 124 3.45 -12.02 27.23
CA PRO A 124 3.81 -12.05 25.81
C PRO A 124 4.49 -13.36 25.43
N PHE A 125 4.47 -13.62 24.12
CA PHE A 125 4.70 -14.98 23.63
C PHE A 125 6.09 -15.49 23.92
N PHE A 126 7.12 -14.66 23.82
CA PHE A 126 8.45 -15.24 24.05
C PHE A 126 8.67 -15.54 25.54
N ALA A 127 7.95 -14.85 26.43
CA ALA A 127 7.98 -15.25 27.84
C ALA A 127 7.35 -16.64 28.02
N ALA A 128 6.22 -16.87 27.37
CA ALA A 128 5.64 -18.21 27.40
C ALA A 128 6.60 -19.24 26.84
N ALA A 129 7.31 -18.90 25.77
CA ALA A 129 8.22 -19.85 25.13
C ALA A 129 9.39 -20.19 26.05
N LYS A 130 9.95 -19.18 26.70
CA LYS A 130 11.03 -19.41 27.65
C LYS A 130 10.57 -20.30 28.79
N GLU A 131 9.36 -20.07 29.30
CA GLU A 131 8.84 -20.92 30.38
C GLU A 131 8.70 -22.36 29.93
N ALA A 132 8.52 -22.58 28.64
CA ALA A 132 8.41 -23.93 28.09
C ALA A 132 9.74 -24.50 27.63
N GLY A 133 10.84 -23.83 27.96
CA GLY A 133 12.15 -24.37 27.70
C GLY A 133 12.79 -23.95 26.40
N LYS A 134 12.20 -23.01 25.66
CA LYS A 134 12.87 -22.53 24.47
C LYS A 134 13.88 -21.46 24.85
N ALA A 135 15.05 -21.49 24.21
CA ALA A 135 15.94 -20.35 24.19
C ALA A 135 15.30 -19.19 23.41
N VAL A 136 15.64 -17.97 23.80
CA VAL A 136 15.06 -16.76 23.23
C VAL A 136 16.18 -15.86 22.74
N GLY A 137 16.00 -15.31 21.54
CA GLY A 137 16.92 -14.31 20.99
C GLY A 137 16.15 -13.12 20.47
N LEU A 138 16.70 -11.93 20.71
CA LEU A 138 16.20 -10.68 20.16
C LEU A 138 17.33 -9.99 19.39
N VAL A 139 17.12 -9.73 18.11
CA VAL A 139 18.13 -9.13 17.26
C VAL A 139 17.49 -8.00 16.51
N THR A 140 18.07 -6.80 16.61
CA THR A 140 17.43 -5.68 15.93
C THR A 140 18.42 -4.58 15.58
N THR A 141 18.03 -3.73 14.65
CA THR A 141 18.78 -2.53 14.32
C THR A 141 18.33 -1.32 15.13
N THR A 142 17.23 -1.42 15.89
CA THR A 142 16.92 -0.38 16.84
C THR A 142 17.73 -0.61 18.12
N THR A 143 17.57 0.29 19.09
CA THR A 143 17.96 -0.01 20.47
C THR A 143 17.37 -1.36 20.84
N VAL A 144 18.17 -2.18 21.52
CA VAL A 144 17.76 -3.55 21.76
C VAL A 144 16.54 -3.60 22.68
N THR A 145 16.32 -2.54 23.46
CA THR A 145 15.22 -2.37 24.40
C THR A 145 14.01 -1.70 23.74
N HIS A 146 14.02 -1.49 22.43
CA HIS A 146 12.94 -0.81 21.76
C HIS A 146 11.67 -1.66 21.75
N ALA A 147 10.58 -1.04 21.29
CA ALA A 147 9.25 -1.60 21.53
C ALA A 147 9.08 -2.96 20.90
N THR A 148 9.59 -3.17 19.69
CA THR A 148 9.24 -4.40 18.98
C THR A 148 9.86 -5.61 19.65
N PRO A 149 11.15 -5.64 19.94
CA PRO A 149 11.69 -6.78 20.71
C PRO A 149 11.12 -6.83 22.10
N ALA A 150 10.98 -5.66 22.75
CA ALA A 150 10.62 -5.70 24.16
C ALA A 150 9.20 -6.22 24.34
N SER A 151 8.30 -5.89 23.41
CA SER A 151 6.92 -6.31 23.55
C SER A 151 6.78 -7.82 23.50
N PHE A 152 7.81 -8.53 23.03
CA PHE A 152 7.73 -9.96 22.97
C PHE A 152 8.13 -10.65 24.26
N VAL A 153 8.82 -9.95 25.18
CA VAL A 153 9.42 -10.58 26.34
C VAL A 153 8.93 -9.99 27.66
N ILE A 154 8.67 -8.68 27.75
CA ILE A 154 8.40 -8.09 29.06
C ILE A 154 7.23 -7.12 29.04
N SER A 155 6.75 -6.78 30.22
CA SER A 155 5.61 -5.87 30.38
C SER A 155 6.06 -4.58 31.04
N ASN A 156 5.58 -3.47 30.51
CA ASN A 156 5.94 -2.17 31.07
C ASN A 156 4.98 -1.11 30.57
N PRO A 157 4.48 -0.23 31.46
CA PRO A 157 3.47 0.75 31.02
C PRO A 157 4.00 1.82 30.12
N ASP A 158 5.33 1.99 30.01
CA ASP A 158 5.96 3.06 29.24
C ASP A 158 7.04 2.45 28.34
N ARG A 159 6.75 2.39 27.02
CA ARG A 159 7.71 1.84 26.08
C ARG A 159 9.03 2.59 26.14
N ASN A 160 8.98 3.87 26.53
CA ASN A 160 10.18 4.71 26.49
C ASN A 160 11.08 4.56 27.71
N ALA A 161 10.65 3.80 28.71
CA ALA A 161 11.46 3.60 29.91
C ALA A 161 12.53 2.54 29.65
N GLU A 162 13.37 2.82 28.66
CA GLU A 162 14.29 1.78 28.20
C GLU A 162 15.41 1.51 29.18
N GLU A 163 15.74 2.48 30.04
CA GLU A 163 16.71 2.21 31.09
C GLU A 163 16.20 1.12 32.02
N ARG A 164 14.92 1.19 32.35
CA ARG A 164 14.30 0.15 33.17
C ARG A 164 14.14 -1.16 32.38
N ILE A 165 13.74 -1.06 31.11
CA ILE A 165 13.58 -2.24 30.27
C ILE A 165 14.89 -3.05 30.20
N ALA A 166 16.02 -2.37 30.12
CA ALA A 166 17.30 -3.06 30.12
C ALA A 166 17.50 -3.88 31.38
N GLU A 167 17.01 -3.37 32.52
CA GLU A 167 17.06 -4.16 33.74
C GLU A 167 16.12 -5.35 33.63
N GLN A 168 14.93 -5.13 33.07
CA GLN A 168 14.00 -6.24 32.87
C GLN A 168 14.59 -7.31 31.95
N TYR A 169 15.38 -6.91 30.95
CA TYR A 169 16.04 -7.87 30.08
C TYR A 169 17.00 -8.76 30.85
N LEU A 170 17.78 -8.17 31.76
CA LEU A 170 18.67 -8.96 32.59
C LEU A 170 17.91 -10.00 33.40
N GLU A 171 16.77 -9.60 33.99
CA GLU A 171 15.99 -10.52 34.80
C GLU A 171 15.31 -11.56 33.93
N PHE A 172 14.82 -11.15 32.74
CA PHE A 172 14.19 -12.13 31.85
C PHE A 172 15.18 -13.20 31.43
N GLY A 173 16.41 -12.80 31.12
CA GLY A 173 17.45 -13.77 30.83
C GLY A 173 17.45 -14.43 29.46
N ALA A 174 17.08 -13.68 28.41
CA ALA A 174 17.13 -14.28 27.08
C ALA A 174 18.56 -14.66 26.72
N GLU A 175 18.70 -15.70 25.89
CA GLU A 175 20.02 -16.21 25.58
C GLU A 175 20.82 -15.26 24.71
N VAL A 176 20.14 -14.48 23.86
CA VAL A 176 20.80 -13.56 22.95
C VAL A 176 20.03 -12.24 22.90
N TYR A 177 20.75 -11.14 23.09
CA TYR A 177 20.25 -9.78 22.91
C TYR A 177 21.26 -9.03 22.06
N LEU A 178 20.85 -8.55 20.88
CA LEU A 178 21.75 -7.83 19.98
C LEU A 178 21.03 -6.65 19.38
N GLY A 179 21.67 -5.49 19.46
CA GLY A 179 21.10 -4.28 18.88
C GLY A 179 21.87 -3.04 19.33
N GLY A 180 21.18 -1.90 19.30
CA GLY A 180 21.72 -0.64 19.78
C GLY A 180 21.40 -0.38 21.24
N GLY A 181 21.68 0.85 21.67
CA GLY A 181 21.23 1.33 22.97
C GLY A 181 22.25 1.33 24.10
N ASP A 182 23.51 1.67 23.82
CA ASP A 182 24.50 1.75 24.89
C ASP A 182 24.06 2.74 25.97
N ARG A 183 23.31 3.78 25.59
CA ARG A 183 22.86 4.76 26.56
C ARG A 183 22.06 4.14 27.70
N PHE A 184 21.50 2.93 27.53
CA PHE A 184 20.70 2.28 28.56
C PHE A 184 21.47 1.23 29.34
N PHE A 185 22.74 0.99 29.01
CA PHE A 185 23.53 -0.03 29.70
C PHE A 185 24.80 0.51 30.32
N ASN A 186 25.37 1.51 29.76
CA ASN A 186 26.67 2.07 30.12
C ASN A 186 26.57 2.90 31.39
N PRO A 187 27.37 2.60 32.43
CA PRO A 187 27.27 3.40 33.67
C PRO A 187 27.53 4.88 33.47
N ALA A 188 28.23 5.23 32.41
CA ALA A 188 28.50 6.63 32.11
C ALA A 188 27.36 7.31 31.37
N ARG A 189 26.27 6.61 31.05
CA ARG A 189 25.12 7.17 30.34
C ARG A 189 23.83 7.01 31.12
N ARG A 190 23.62 5.85 31.71
CA ARG A 190 22.44 5.62 32.52
C ARG A 190 22.25 6.70 33.58
N LYS A 191 21.01 7.09 33.80
CA LYS A 191 20.71 8.13 34.78
C LYS A 191 21.08 7.69 36.17
N ASP A 192 20.97 6.39 36.46
CA ASP A 192 21.32 5.88 37.77
C ASP A 192 22.77 5.48 37.89
N GLY A 193 23.59 5.71 36.87
CA GLY A 193 25.01 5.36 36.91
C GLY A 193 25.37 3.89 37.08
N LYS A 194 24.38 3.01 37.01
CA LYS A 194 24.64 1.58 37.20
C LYS A 194 25.36 0.96 36.01
N ASP A 195 26.34 0.07 36.27
CA ASP A 195 27.03 -0.65 35.18
C ASP A 195 26.26 -1.94 34.87
N LEU A 196 25.25 -1.83 33.99
CA LEU A 196 24.46 -3.01 33.65
C LEU A 196 25.29 -4.03 32.89
N TYR A 197 26.29 -3.59 32.13
CA TYR A 197 27.16 -4.55 31.46
C TYR A 197 27.76 -5.51 32.46
N ALA A 198 28.28 -4.96 33.56
CA ALA A 198 28.88 -5.79 34.59
C ALA A 198 27.86 -6.78 35.14
N ALA A 199 26.61 -6.33 35.30
CA ALA A 199 25.59 -7.21 35.86
C ALA A 199 25.24 -8.35 34.90
N PHE A 200 25.20 -8.06 33.59
CA PHE A 200 25.03 -9.13 32.62
C PHE A 200 26.22 -10.09 32.65
N ALA A 201 27.43 -9.55 32.74
CA ALA A 201 28.59 -10.44 32.79
C ALA A 201 28.51 -11.36 34.00
N ALA A 202 28.00 -10.85 35.12
CA ALA A 202 27.90 -11.69 36.32
C ALA A 202 26.96 -12.87 36.12
N LYS A 203 26.01 -12.74 35.21
CA LYS A 203 25.10 -13.83 34.89
C LYS A 203 25.58 -14.67 33.72
N GLY A 204 26.81 -14.45 33.25
CA GLY A 204 27.42 -15.34 32.30
C GLY A 204 27.37 -14.88 30.87
N TYR A 205 26.79 -13.71 30.59
CA TYR A 205 26.77 -13.21 29.23
C TYR A 205 28.15 -12.75 28.79
N GLY A 206 28.49 -13.10 27.55
CA GLY A 206 29.55 -12.42 26.84
C GLY A 206 29.03 -11.09 26.35
N VAL A 207 29.79 -10.02 26.64
CA VAL A 207 29.40 -8.67 26.28
C VAL A 207 30.28 -8.23 25.13
N VAL A 208 29.64 -7.80 24.05
CA VAL A 208 30.35 -7.40 22.84
C VAL A 208 29.81 -6.04 22.41
N ARG A 209 30.67 -5.25 21.83
CA ARG A 209 30.31 -3.86 21.55
C ARG A 209 30.74 -3.43 20.17
N THR A 210 31.42 -4.28 19.42
CA THR A 210 31.81 -3.98 18.06
C THR A 210 31.57 -5.19 17.17
N PRO A 211 31.55 -4.99 15.86
CA PRO A 211 31.46 -6.14 14.94
C PRO A 211 32.55 -7.16 15.16
N GLU A 212 33.77 -6.66 15.39
CA GLU A 212 34.92 -7.54 15.59
C GLU A 212 34.71 -8.40 16.82
N GLU A 213 34.34 -7.76 17.94
CA GLU A 213 34.10 -8.53 19.15
C GLU A 213 32.97 -9.53 18.94
N LEU A 214 31.94 -9.12 18.19
CA LEU A 214 30.79 -9.98 18.00
C LEU A 214 31.20 -11.29 17.32
N VAL A 215 31.97 -11.18 16.24
CA VAL A 215 32.27 -12.37 15.46
C VAL A 215 33.30 -13.24 16.17
N ARG A 216 34.23 -12.61 16.88
CA ARG A 216 35.25 -13.34 17.63
C ARG A 216 34.67 -14.09 18.82
N SER A 217 33.53 -13.63 19.33
CA SER A 217 33.07 -14.16 20.60
C SER A 217 32.78 -15.65 20.50
N ASN A 218 33.16 -16.39 21.53
CA ASN A 218 32.74 -17.77 21.67
C ASN A 218 31.90 -17.97 22.93
N ALA A 219 31.37 -16.87 23.48
CA ALA A 219 30.43 -16.95 24.58
C ALA A 219 29.15 -17.58 24.07
N THR A 220 28.56 -18.41 24.90
CA THR A 220 27.29 -19.08 24.56
C THR A 220 26.13 -18.10 24.57
N ARG A 221 25.99 -17.32 25.64
CA ARG A 221 24.97 -16.28 25.75
C ARG A 221 25.61 -14.93 25.51
N LEU A 222 24.87 -14.04 24.85
CA LEU A 222 25.43 -12.83 24.25
C LEU A 222 24.57 -11.62 24.59
N LEU A 223 25.23 -10.55 25.01
CA LEU A 223 24.66 -9.23 24.98
C LEU A 223 25.56 -8.41 24.08
N GLY A 224 25.00 -7.93 22.98
CA GLY A 224 25.75 -7.08 22.06
C GLY A 224 25.04 -5.76 21.80
N VAL A 225 25.73 -4.66 22.11
CA VAL A 225 25.19 -3.31 22.04
C VAL A 225 26.20 -2.50 21.26
N PHE A 226 25.80 -1.98 20.09
CA PHE A 226 26.76 -1.53 19.10
C PHE A 226 26.72 -0.05 18.77
N ALA A 227 25.80 0.71 19.37
CA ALA A 227 25.70 2.14 19.16
C ALA A 227 25.09 2.77 20.41
N ASP A 228 25.25 4.09 20.54
CA ASP A 228 24.68 4.77 21.69
C ASP A 228 23.16 4.63 21.69
N GLY A 229 22.54 4.93 20.53
CA GLY A 229 21.11 4.74 20.29
C GLY A 229 20.86 3.64 19.27
N HIS A 230 20.01 3.89 18.28
CA HIS A 230 19.76 2.86 17.26
C HIS A 230 21.02 2.59 16.45
N VAL A 231 21.13 1.38 15.94
CA VAL A 231 22.23 1.05 15.02
C VAL A 231 22.08 1.89 13.76
N PRO A 232 23.16 2.37 13.18
CA PRO A 232 23.04 3.18 11.96
C PRO A 232 22.32 2.45 10.82
N TYR A 233 21.64 3.25 10.01
CA TYR A 233 21.08 2.76 8.75
C TYR A 233 22.12 2.03 7.91
N GLU A 234 21.66 0.99 7.22
CA GLU A 234 22.51 0.31 6.23
C GLU A 234 23.20 1.29 5.28
N ILE A 235 22.50 2.31 4.80
CA ILE A 235 23.14 3.19 3.83
C ILE A 235 24.37 3.86 4.45
N ASP A 236 24.31 4.16 5.74
CA ASP A 236 25.42 4.83 6.40
C ASP A 236 26.52 3.82 6.73
N ARG A 237 26.15 2.64 7.20
CA ARG A 237 27.15 1.59 7.43
C ARG A 237 27.92 1.30 6.16
N ARG A 238 27.20 1.18 5.04
CA ARG A 238 27.79 0.72 3.79
C ARG A 238 28.74 1.75 3.20
N PHE A 239 28.33 3.03 3.16
CA PHE A 239 29.03 4.05 2.42
C PHE A 239 29.80 5.05 3.26
N GLN A 240 29.57 5.11 4.56
CA GLN A 240 30.29 6.05 5.40
C GLN A 240 31.22 5.34 6.38
N GLY A 241 31.49 4.05 6.18
CA GLY A 241 32.51 3.37 6.92
C GLY A 241 32.27 3.22 8.41
N LEU A 242 31.03 3.31 8.86
CA LEU A 242 30.77 3.22 10.30
C LEU A 242 31.04 1.81 10.77
N GLY A 243 31.76 1.70 11.88
CA GLY A 243 32.13 0.42 12.45
C GLY A 243 31.02 -0.19 13.28
N VAL A 244 29.91 -0.48 12.63
CA VAL A 244 28.75 -1.10 13.29
C VAL A 244 28.41 -2.35 12.49
N PRO A 245 27.75 -3.32 13.14
CA PRO A 245 27.39 -4.54 12.40
C PRO A 245 26.20 -4.29 11.51
N SER A 246 26.11 -5.08 10.43
CA SER A 246 24.90 -5.19 9.64
C SER A 246 23.89 -6.08 10.38
N LEU A 247 22.62 -5.97 10.01
CA LEU A 247 21.66 -6.90 10.59
C LEU A 247 22.11 -8.35 10.35
N LYS A 248 22.60 -8.64 9.14
CA LYS A 248 23.06 -9.99 8.83
C LYS A 248 24.12 -10.46 9.81
N GLU A 249 25.12 -9.60 10.07
CA GLU A 249 26.20 -9.99 10.97
C GLU A 249 25.67 -10.34 12.35
N MET A 250 24.65 -9.61 12.81
CA MET A 250 24.06 -9.91 14.11
C MET A 250 23.31 -11.23 14.08
N VAL A 251 22.51 -11.48 13.03
CA VAL A 251 21.84 -12.78 12.94
C VAL A 251 22.86 -13.93 12.85
N GLN A 252 23.93 -13.76 12.07
CA GLN A 252 24.93 -14.84 11.95
C GLN A 252 25.46 -15.25 13.32
N ALA A 253 25.56 -14.30 14.25
CA ALA A 253 26.03 -14.64 15.59
C ALA A 253 24.93 -15.28 16.43
N ALA A 254 23.69 -14.87 16.24
CA ALA A 254 22.63 -15.35 17.12
C ALA A 254 22.15 -16.74 16.72
N LEU A 255 22.00 -16.97 15.43
CA LEU A 255 21.31 -18.16 14.98
C LEU A 255 21.99 -19.43 15.44
N PRO A 256 23.29 -19.63 15.21
CA PRO A 256 23.93 -20.85 15.70
C PRO A 256 23.84 -21.03 17.20
N ARG A 257 23.84 -19.96 18.00
CA ARG A 257 23.73 -20.12 19.45
C ARG A 257 22.34 -20.61 19.83
N LEU A 258 21.32 -20.01 19.26
CA LEU A 258 19.96 -20.45 19.59
C LEU A 258 19.73 -21.86 19.10
N ALA A 259 20.27 -22.19 17.91
CA ALA A 259 20.04 -23.51 17.33
C ALA A 259 20.69 -24.62 18.14
N ALA A 260 21.71 -24.31 18.92
CA ALA A 260 22.41 -25.35 19.68
C ALA A 260 21.62 -25.83 20.88
N HIS A 261 20.64 -25.06 21.32
CA HIS A 261 19.88 -25.35 22.53
C HIS A 261 18.97 -26.56 22.35
N ARG A 262 18.98 -27.44 23.35
CA ARG A 262 18.32 -28.74 23.20
C ARG A 262 16.80 -28.57 23.09
N GLY A 263 16.25 -27.71 23.93
CA GLY A 263 14.82 -27.46 23.95
C GLY A 263 14.25 -26.65 22.78
N GLY A 264 15.06 -26.29 21.80
CA GLY A 264 14.55 -25.48 20.72
C GLY A 264 14.60 -24.00 21.08
N PHE A 265 14.18 -23.17 20.12
CA PHE A 265 14.35 -21.74 20.32
C PHE A 265 13.32 -20.90 19.58
N VAL A 266 13.21 -19.65 20.03
CA VAL A 266 12.45 -18.61 19.35
C VAL A 266 13.37 -17.41 19.15
N LEU A 267 13.24 -16.75 18.02
CA LEU A 267 14.08 -15.63 17.65
C LEU A 267 13.19 -14.59 17.01
N GLN A 268 13.34 -13.35 17.45
CA GLN A 268 12.83 -12.21 16.72
C GLN A 268 14.01 -11.50 16.05
N VAL A 269 13.92 -11.30 14.75
CA VAL A 269 14.82 -10.44 14.01
C VAL A 269 14.02 -9.25 13.58
N GLU A 270 14.53 -8.04 13.85
CA GLU A 270 13.82 -6.83 13.49
C GLU A 270 14.66 -5.97 12.55
N ALA A 271 14.12 -5.70 11.37
CA ALA A 271 14.62 -4.65 10.51
C ALA A 271 13.85 -3.41 10.93
N GLY A 272 14.30 -2.83 12.06
CA GLY A 272 13.51 -1.85 12.74
C GLY A 272 13.64 -0.44 12.25
N ARG A 273 14.56 -0.16 11.33
CA ARG A 273 14.78 1.22 10.91
C ARG A 273 14.24 1.50 9.52
N ILE A 274 13.61 0.51 8.88
CA ILE A 274 12.74 0.81 7.75
C ILE A 274 11.73 1.86 8.16
N ASP A 275 11.05 1.63 9.29
CA ASP A 275 10.14 2.62 9.87
C ASP A 275 10.80 3.98 9.99
N HIS A 276 11.99 4.03 10.58
CA HIS A 276 12.64 5.30 10.85
C HIS A 276 12.95 6.06 9.56
N ALA A 277 13.49 5.35 8.57
CA ALA A 277 13.76 6.02 7.31
C ALA A 277 12.48 6.53 6.69
N ASN A 278 11.39 5.76 6.81
CA ASN A 278 10.13 6.22 6.25
C ASN A 278 9.64 7.45 6.97
N HIS A 279 9.89 7.51 8.30
CA HIS A 279 9.62 8.74 9.07
C HIS A 279 10.40 9.93 8.52
N LEU A 280 11.70 9.74 8.23
CA LEU A 280 12.47 10.82 7.64
C LEU A 280 11.98 11.21 6.23
N ASN A 281 11.22 10.35 5.56
CA ASN A 281 10.86 10.52 4.15
C ASN A 281 12.11 10.39 3.28
N ASP A 282 12.99 9.47 3.65
CA ASP A 282 14.26 9.24 2.97
C ASP A 282 14.20 7.89 2.23
N ALA A 283 13.79 7.95 0.96
CA ALA A 283 13.62 6.72 0.19
C ALA A 283 14.89 5.92 0.05
N GLY A 284 16.05 6.59 0.00
CA GLY A 284 17.30 5.86 -0.16
C GLY A 284 17.68 5.12 1.10
N ALA A 285 17.43 5.71 2.27
CA ALA A 285 17.68 4.97 3.49
C ALA A 285 16.72 3.79 3.65
N THR A 286 15.45 3.98 3.31
CA THR A 286 14.49 2.88 3.35
C THR A 286 14.95 1.73 2.47
N LEU A 287 15.37 2.05 1.25
CA LEU A 287 15.79 1.03 0.33
C LEU A 287 16.92 0.19 0.90
N TRP A 288 17.95 0.83 1.45
CA TRP A 288 19.10 0.05 1.90
C TRP A 288 18.78 -0.78 3.14
N ASP A 289 17.86 -0.32 4.00
CA ASP A 289 17.47 -1.18 5.12
C ASP A 289 16.57 -2.32 4.64
N VAL A 290 15.84 -2.10 3.55
CA VAL A 290 15.10 -3.21 2.97
C VAL A 290 16.05 -4.20 2.32
N LEU A 291 17.12 -3.69 1.68
CA LEU A 291 18.11 -4.56 1.06
C LEU A 291 18.93 -5.29 2.13
N ALA A 292 19.20 -4.62 3.25
CA ALA A 292 19.86 -5.32 4.34
C ALA A 292 18.97 -6.45 4.90
N ALA A 293 17.68 -6.17 5.05
CA ALA A 293 16.75 -7.22 5.46
C ALA A 293 16.76 -8.38 4.46
N ASP A 294 16.89 -8.07 3.17
CA ASP A 294 16.84 -9.12 2.16
C ASP A 294 18.02 -10.07 2.33
N GLU A 295 19.17 -9.55 2.66
CA GLU A 295 20.31 -10.44 2.92
C GLU A 295 20.02 -11.35 4.09
N VAL A 296 19.32 -10.82 5.10
CA VAL A 296 18.97 -11.63 6.28
C VAL A 296 18.00 -12.72 5.88
N LEU A 297 17.01 -12.38 5.05
CA LEU A 297 16.04 -13.34 4.57
C LEU A 297 16.70 -14.56 3.97
N GLU A 298 17.75 -14.33 3.18
CA GLU A 298 18.45 -15.41 2.53
C GLU A 298 19.08 -16.30 3.58
N LEU A 299 19.63 -15.69 4.62
CA LEU A 299 20.18 -16.47 5.73
C LEU A 299 19.10 -17.28 6.44
N LEU A 300 17.96 -16.64 6.73
CA LEU A 300 16.93 -17.31 7.51
C LEU A 300 16.29 -18.43 6.71
N THR A 301 16.03 -18.22 5.42
CA THR A 301 15.40 -19.28 4.64
C THR A 301 16.37 -20.46 4.47
N ALA A 302 17.64 -20.17 4.26
CA ALA A 302 18.60 -21.28 4.16
C ALA A 302 18.65 -22.07 5.46
N PHE A 303 18.56 -21.38 6.61
CA PHE A 303 18.44 -22.12 7.87
C PHE A 303 17.18 -22.97 7.92
N VAL A 304 16.04 -22.42 7.50
CA VAL A 304 14.80 -23.23 7.56
C VAL A 304 14.90 -24.43 6.62
N ASP A 305 15.50 -24.23 5.43
CA ASP A 305 15.71 -25.32 4.49
C ASP A 305 16.48 -26.47 5.15
N ARG A 306 17.52 -26.13 5.91
CA ARG A 306 18.27 -27.15 6.61
C ARG A 306 17.58 -27.66 7.87
N ASN A 307 16.52 -26.99 8.34
CA ASN A 307 15.89 -27.28 9.63
C ASN A 307 14.39 -27.26 9.52
N PRO A 308 13.80 -28.33 8.97
CA PRO A 308 12.34 -28.34 8.77
C PRO A 308 11.52 -28.31 10.04
N ASP A 309 12.12 -28.50 11.22
CA ASP A 309 11.35 -28.30 12.45
C ASP A 309 11.16 -26.81 12.79
N THR A 310 11.49 -25.91 11.87
CA THR A 310 11.54 -24.47 12.15
C THR A 310 10.58 -23.72 11.24
N LEU A 311 9.75 -22.87 11.83
CA LEU A 311 8.86 -22.01 11.07
C LEU A 311 9.41 -20.58 11.02
N LEU A 312 9.40 -19.99 9.84
CA LEU A 312 9.79 -18.60 9.66
C LEU A 312 8.55 -17.79 9.31
N ILE A 313 8.25 -16.79 10.15
CA ILE A 313 7.20 -15.81 9.89
C ILE A 313 7.87 -14.51 9.53
N VAL A 314 7.51 -13.94 8.38
CA VAL A 314 8.00 -12.63 7.95
C VAL A 314 6.79 -11.69 7.88
N VAL A 315 6.85 -10.59 8.62
CA VAL A 315 5.67 -9.76 8.80
C VAL A 315 6.10 -8.31 8.96
N SER A 316 5.30 -7.42 8.38
CA SER A 316 5.42 -6.00 8.70
C SER A 316 4.46 -5.67 9.84
N ASP A 317 4.89 -4.78 10.75
CA ASP A 317 4.00 -4.43 11.86
C ASP A 317 3.02 -3.30 11.54
N HIS A 318 3.31 -2.50 10.52
CA HIS A 318 2.42 -1.48 9.98
C HIS A 318 3.20 -0.77 8.86
N ALA A 319 2.47 -0.02 8.05
CA ALA A 319 3.07 0.83 7.05
C ALA A 319 3.43 2.18 7.65
N THR A 320 4.43 2.83 7.04
CA THR A 320 4.86 4.15 7.46
C THR A 320 5.22 5.00 6.25
N GLY A 321 4.73 6.23 6.26
CA GLY A 321 4.95 7.17 5.19
C GLY A 321 3.66 7.53 4.50
N VAL A 322 3.37 6.95 3.33
CA VAL A 322 4.18 5.94 2.69
C VAL A 322 4.89 6.58 1.52
N GLY A 323 6.04 6.01 1.18
CA GLY A 323 6.93 6.56 0.18
C GLY A 323 6.81 5.89 -1.17
N GLY A 324 5.97 6.45 -2.03
CA GLY A 324 5.61 5.82 -3.29
C GLY A 324 6.37 6.41 -4.47
N LEU A 325 6.92 5.51 -5.28
CA LEU A 325 7.40 5.86 -6.61
C LEU A 325 6.18 6.17 -7.47
N TYR A 326 6.12 7.40 -8.00
CA TYR A 326 4.90 7.89 -8.60
C TYR A 326 5.12 8.24 -10.08
N GLY A 327 4.00 8.36 -10.78
CA GLY A 327 4.04 8.53 -12.22
C GLY A 327 4.69 9.84 -12.60
N ALA A 328 5.64 9.78 -13.52
CA ALA A 328 6.47 10.91 -13.94
C ALA A 328 6.66 10.89 -15.45
N GLY A 329 6.50 12.06 -16.07
CA GLY A 329 6.73 12.20 -17.49
C GLY A 329 5.45 11.99 -18.28
N ARG A 330 5.55 12.25 -19.58
CA ARG A 330 4.43 12.00 -20.49
C ARG A 330 4.02 10.53 -20.39
N SER A 331 2.73 10.30 -20.12
CA SER A 331 2.20 8.94 -19.96
C SER A 331 2.93 8.13 -18.88
N TYR A 332 3.53 8.83 -17.90
CA TYR A 332 4.31 8.21 -16.81
C TYR A 332 5.44 7.35 -17.34
N LEU A 333 5.90 7.66 -18.54
CA LEU A 333 6.93 6.83 -19.16
C LEU A 333 8.29 7.00 -18.54
N GLU A 334 8.50 8.06 -17.75
CA GLU A 334 9.82 8.25 -17.14
C GLU A 334 9.84 7.82 -15.67
N SER A 335 8.86 7.05 -15.21
CA SER A 335 8.74 6.83 -13.77
C SER A 335 9.89 6.03 -13.18
N SER A 336 10.56 5.20 -13.99
CA SER A 336 11.67 4.42 -13.43
C SER A 336 12.94 5.23 -13.15
N GLN A 337 13.02 6.48 -13.61
CA GLN A 337 14.21 7.29 -13.33
C GLN A 337 14.44 7.43 -11.84
N GLY A 338 13.36 7.54 -11.05
CA GLY A 338 13.52 7.69 -9.62
C GLY A 338 14.25 6.54 -8.97
N VAL A 339 14.13 5.34 -9.55
CA VAL A 339 14.87 4.19 -9.05
C VAL A 339 16.35 4.36 -9.34
N ASP A 340 16.68 4.72 -10.59
CA ASP A 340 18.07 4.97 -10.91
C ASP A 340 18.65 6.03 -10.00
N LEU A 341 17.89 7.08 -9.71
CA LEU A 341 18.37 8.22 -8.95
C LEU A 341 18.66 7.90 -7.48
N LEU A 342 18.32 6.69 -7.03
CA LEU A 342 18.71 6.28 -5.68
C LEU A 342 20.12 5.75 -5.65
N GLU A 343 20.65 5.25 -6.78
CA GLU A 343 21.96 4.61 -6.73
C GLU A 343 23.06 5.57 -6.33
N PRO A 344 23.02 6.87 -6.67
CA PRO A 344 24.07 7.80 -6.21
C PRO A 344 24.05 8.10 -4.74
N GLN A 345 22.96 7.82 -4.02
CA GLN A 345 22.89 8.19 -2.60
C GLN A 345 23.93 7.45 -1.79
N ARG A 346 24.52 8.16 -0.82
CA ARG A 346 25.62 7.64 -0.02
C ARG A 346 25.43 7.86 1.48
N ALA A 347 24.35 8.53 1.91
CA ALA A 347 24.09 8.67 3.34
C ALA A 347 22.61 9.01 3.54
N SER A 348 22.17 8.81 4.77
CA SER A 348 20.80 9.15 5.17
C SER A 348 20.70 10.61 5.59
N PHE A 349 19.46 11.12 5.64
CA PHE A 349 19.19 12.43 6.23
C PHE A 349 19.73 12.52 7.65
N GLU A 350 19.69 11.41 8.40
CA GLU A 350 20.14 11.41 9.80
C GLU A 350 21.62 11.67 9.88
N HIS A 351 22.38 11.08 8.97
CA HIS A 351 23.83 11.28 8.96
C HIS A 351 24.16 12.68 8.44
N MET A 352 23.50 13.09 7.36
CA MET A 352 23.63 14.47 6.89
C MET A 352 23.41 15.45 8.04
N LEU A 353 22.30 15.31 8.77
CA LEU A 353 22.03 16.23 9.87
C LEU A 353 23.16 16.19 10.88
N ARG A 354 23.68 15.01 11.17
CA ARG A 354 24.79 14.90 12.10
C ARG A 354 26.00 15.67 11.56
N VAL A 355 26.32 15.49 10.29
CA VAL A 355 27.45 16.15 9.66
C VAL A 355 27.29 17.66 9.69
N LEU A 356 26.07 18.12 9.40
CA LEU A 356 25.79 19.55 9.28
C LEU A 356 25.83 20.28 10.62
N GLY A 357 25.55 19.58 11.71
CA GLY A 357 25.57 20.24 12.99
C GLY A 357 24.46 21.27 13.11
N GLN A 358 24.51 22.00 14.23
CA GLN A 358 23.38 22.79 14.69
C GLN A 358 23.25 24.16 14.05
N ALA A 359 24.26 24.64 13.34
CA ALA A 359 24.20 25.94 12.68
C ALA A 359 24.92 25.86 11.34
N PRO A 360 24.40 25.02 10.45
CA PRO A 360 24.98 24.96 9.10
C PRO A 360 24.64 26.18 8.29
N GLU A 361 25.49 26.44 7.31
CA GLU A 361 25.27 27.46 6.31
C GLU A 361 24.68 26.82 5.06
N ALA A 362 23.85 27.59 4.36
CA ALA A 362 23.26 27.14 3.10
C ALA A 362 24.27 26.47 2.19
N SER A 363 25.46 27.04 2.12
CA SER A 363 26.47 26.45 1.26
C SER A 363 26.86 25.06 1.75
N GLN A 364 26.80 24.83 3.06
CA GLN A 364 27.19 23.53 3.59
C GLN A 364 26.09 22.50 3.35
N VAL A 365 24.84 22.89 3.56
CA VAL A 365 23.68 22.09 3.17
C VAL A 365 23.82 21.65 1.72
N LYS A 366 23.97 22.63 0.82
CA LYS A 366 24.08 22.34 -0.61
C LYS A 366 25.16 21.32 -0.87
N GLU A 367 26.29 21.43 -0.18
CA GLU A 367 27.35 20.45 -0.40
C GLU A 367 26.95 19.09 0.13
N ALA A 368 26.26 19.05 1.27
CA ALA A 368 25.84 17.77 1.85
C ALA A 368 24.89 17.02 0.91
N PHE A 369 23.90 17.73 0.37
CA PHE A 369 23.00 17.11 -0.60
C PHE A 369 23.74 16.65 -1.85
N ARG A 370 24.70 17.44 -2.34
CA ARG A 370 25.50 17.03 -3.48
C ARG A 370 26.25 15.74 -3.17
N ALA A 371 26.96 15.72 -2.06
CA ALA A 371 27.84 14.59 -1.80
C ALA A 371 27.10 13.34 -1.37
N MET A 372 25.99 13.47 -0.65
CA MET A 372 25.35 12.31 -0.05
C MET A 372 24.04 11.92 -0.69
N LYS A 373 23.38 12.82 -1.44
CA LYS A 373 22.20 12.48 -2.21
C LYS A 373 22.35 12.58 -3.73
N GLY A 374 23.46 13.10 -4.24
CA GLY A 374 23.59 13.34 -5.66
C GLY A 374 22.65 14.39 -6.20
N VAL A 375 22.30 15.38 -5.38
CA VAL A 375 21.28 16.38 -5.68
C VAL A 375 21.93 17.75 -5.67
N ASP A 376 21.53 18.61 -6.61
CA ASP A 376 22.03 19.99 -6.74
C ASP A 376 20.89 20.91 -6.37
N LEU A 377 20.90 21.36 -5.12
CA LEU A 377 19.83 22.20 -4.59
C LEU A 377 19.94 23.63 -5.10
N GLU A 378 18.78 24.23 -5.34
CA GLU A 378 18.69 25.66 -5.51
C GLU A 378 18.91 26.38 -4.18
N ASP A 379 19.30 27.66 -4.27
CA ASP A 379 19.47 28.49 -3.09
C ASP A 379 18.23 28.43 -2.19
N ALA A 380 17.05 28.66 -2.75
CA ALA A 380 15.87 28.72 -1.88
C ALA A 380 15.61 27.39 -1.18
N GLU A 381 16.08 26.29 -1.77
CA GLU A 381 15.84 24.98 -1.18
C GLU A 381 16.80 24.75 -0.02
N ALA A 382 18.08 25.07 -0.23
CA ALA A 382 19.03 24.96 0.87
C ALA A 382 18.63 25.87 2.02
N GLU A 383 18.11 27.06 1.72
CA GLU A 383 17.73 27.98 2.79
C GLU A 383 16.59 27.40 3.61
N ARG A 384 15.65 26.74 2.95
CA ARG A 384 14.57 26.09 3.71
C ARG A 384 15.14 25.09 4.70
N VAL A 385 16.13 24.31 4.26
CA VAL A 385 16.76 23.36 5.15
C VAL A 385 17.43 24.08 6.31
N VAL A 386 18.12 25.19 6.04
CA VAL A 386 18.76 25.94 7.12
C VAL A 386 17.71 26.41 8.11
N ARG A 387 16.61 26.95 7.61
CA ARG A 387 15.58 27.45 8.50
C ARG A 387 14.98 26.33 9.32
N ALA A 388 14.77 25.18 8.71
CA ALA A 388 14.16 24.08 9.45
C ALA A 388 15.09 23.62 10.56
N ILE A 389 16.39 23.51 10.27
CA ILE A 389 17.34 23.07 11.28
C ILE A 389 17.54 24.13 12.36
N ARG A 390 17.66 25.39 11.96
CA ARG A 390 18.09 26.44 12.88
C ARG A 390 16.95 27.15 13.57
N GLU A 391 15.81 27.34 12.88
CA GLU A 391 14.70 28.08 13.44
C GLU A 391 13.43 27.26 13.61
N LYS A 392 13.48 25.95 13.38
CA LYS A 392 12.28 25.12 13.43
C LYS A 392 11.15 25.71 12.59
N VAL A 393 11.51 26.20 11.42
CA VAL A 393 10.55 26.63 10.42
C VAL A 393 10.54 25.59 9.32
N TYR A 394 9.38 24.95 9.13
CA TYR A 394 9.26 23.74 8.33
C TYR A 394 8.51 24.07 7.05
N TRP A 395 8.85 23.36 5.98
CA TRP A 395 8.19 23.55 4.70
C TRP A 395 7.87 22.22 4.05
N PRO A 396 6.65 22.08 3.49
CA PRO A 396 5.57 23.08 3.48
C PRO A 396 4.91 23.28 4.83
N GLU A 397 5.03 22.29 5.71
CA GLU A 397 4.41 22.38 7.03
C GLU A 397 4.94 21.20 7.85
N GLY A 398 4.39 21.08 9.05
CA GLY A 398 4.99 20.17 10.00
C GLY A 398 4.01 19.33 10.78
N VAL A 399 2.77 19.22 10.30
CA VAL A 399 1.76 18.37 10.93
C VAL A 399 1.47 17.13 10.08
N ARG A 400 1.00 17.31 8.86
CA ARG A 400 0.99 16.21 7.94
C ARG A 400 2.38 15.65 7.77
N GLN A 401 3.36 16.54 7.62
CA GLN A 401 4.77 16.16 7.54
C GLN A 401 5.39 16.34 8.93
N GLY A 402 5.12 15.40 9.81
CA GLY A 402 5.35 15.55 11.24
C GLY A 402 6.74 15.23 11.75
N VAL A 403 7.68 14.92 10.89
CA VAL A 403 9.03 14.55 11.30
C VAL A 403 9.99 15.56 10.69
N GLN A 404 10.68 16.31 11.55
CA GLN A 404 11.44 17.47 11.11
C GLN A 404 12.76 17.52 11.84
N PRO A 405 13.82 18.03 11.18
CA PRO A 405 13.69 18.69 9.88
C PRO A 405 13.71 17.78 8.65
N ALA A 406 13.75 16.45 8.85
CA ALA A 406 13.97 15.55 7.72
C ALA A 406 12.92 15.72 6.62
N ASN A 407 11.66 15.92 6.98
CA ASN A 407 10.64 16.01 5.94
C ASN A 407 10.79 17.28 5.11
N THR A 408 11.25 18.38 5.72
CA THR A 408 11.58 19.55 4.90
C THR A 408 12.75 19.23 3.98
N MET A 409 13.72 18.47 4.48
CA MET A 409 14.81 18.02 3.62
C MET A 409 14.27 17.27 2.40
N ALA A 410 13.29 16.41 2.61
CA ALA A 410 12.77 15.63 1.50
C ALA A 410 12.12 16.52 0.47
N TRP A 411 11.31 17.48 0.94
CA TRP A 411 10.68 18.42 0.04
C TRP A 411 11.68 19.34 -0.62
N ALA A 412 12.78 19.64 0.07
CA ALA A 412 13.82 20.47 -0.53
C ALA A 412 14.42 19.81 -1.77
N MET A 413 14.44 18.47 -1.83
CA MET A 413 14.98 17.76 -2.98
C MET A 413 13.89 17.12 -3.84
N VAL A 414 12.73 17.76 -3.91
CA VAL A 414 11.64 17.25 -4.73
C VAL A 414 12.01 17.36 -6.19
N GLN A 415 11.48 16.43 -6.98
CA GLN A 415 11.48 16.52 -8.43
C GLN A 415 11.02 17.88 -8.91
N ARG A 416 11.78 18.44 -9.84
CA ARG A 416 11.43 19.71 -10.48
C ARG A 416 11.15 19.56 -11.98
N ASP A 417 11.81 18.63 -12.64
CA ASP A 417 11.70 18.46 -14.09
C ASP A 417 10.54 17.51 -14.36
N ALA A 418 9.40 18.07 -14.77
CA ALA A 418 8.22 17.26 -14.97
C ALA A 418 8.31 16.36 -16.20
N GLN A 419 9.27 16.60 -17.10
CA GLN A 419 9.39 15.79 -18.31
C GLN A 419 10.15 14.51 -18.02
N LYS A 420 11.14 14.61 -17.14
CA LYS A 420 12.02 13.50 -16.76
C LYS A 420 12.58 13.82 -15.38
N PRO A 421 12.34 12.97 -14.38
CA PRO A 421 12.81 13.29 -13.02
C PRO A 421 14.29 13.65 -13.00
N ASP A 422 14.58 14.82 -12.43
CA ASP A 422 15.94 15.20 -12.09
C ASP A 422 16.32 14.76 -10.69
N ARG A 423 15.32 14.55 -9.84
CA ARG A 423 15.48 13.98 -8.51
C ARG A 423 14.39 12.95 -8.33
N PRO A 424 14.53 12.03 -7.38
CA PRO A 424 13.63 10.88 -7.33
C PRO A 424 12.17 11.30 -7.28
N ASN A 425 11.38 10.75 -8.22
CA ASN A 425 9.92 10.83 -8.18
C ASN A 425 9.32 9.85 -7.17
N ILE A 426 9.74 10.00 -5.92
CA ILE A 426 9.18 9.29 -4.76
C ILE A 426 8.63 10.34 -3.79
N GLY A 427 7.32 10.30 -3.54
CA GLY A 427 6.69 11.18 -2.60
C GLY A 427 6.17 10.41 -1.40
N TRP A 428 5.59 11.17 -0.45
CA TRP A 428 5.29 10.65 0.88
C TRP A 428 3.94 11.18 1.34
N SER A 429 3.08 10.27 1.82
CA SER A 429 1.78 10.68 2.34
C SER A 429 1.94 11.51 3.61
N SER A 430 3.01 11.26 4.36
CA SER A 430 3.12 11.78 5.72
C SER A 430 4.51 11.44 6.22
N GLY A 431 4.83 11.94 7.41
CA GLY A 431 5.99 11.46 8.14
C GLY A 431 5.64 10.45 9.23
N GLN A 432 4.44 9.89 9.19
CA GLN A 432 3.93 9.03 10.27
C GLN A 432 3.46 7.67 9.73
N HIS A 433 3.07 6.79 10.65
CA HIS A 433 2.46 5.51 10.27
C HIS A 433 1.15 5.74 9.52
N THR A 434 0.77 4.76 8.72
CA THR A 434 -0.50 4.77 8.02
C THR A 434 -1.28 3.50 8.38
N ALA A 435 -2.53 3.47 7.93
CA ALA A 435 -3.50 2.46 8.32
C ALA A 435 -3.57 1.26 7.38
N SER A 436 -2.81 1.29 6.30
CA SER A 436 -2.85 0.23 5.30
C SER A 436 -2.63 -1.16 5.91
N PRO A 437 -3.33 -2.17 5.44
CA PRO A 437 -2.90 -3.54 5.77
C PRO A 437 -1.56 -3.86 5.12
N VAL A 438 -0.79 -4.74 5.76
CA VAL A 438 0.60 -4.98 5.36
C VAL A 438 0.90 -6.47 5.33
N MET A 439 2.13 -6.76 4.90
CA MET A 439 2.56 -8.11 4.56
C MET A 439 2.59 -9.07 5.74
N LEU A 440 2.11 -10.29 5.49
CA LEU A 440 2.32 -11.44 6.38
C LEU A 440 2.68 -12.63 5.51
N LEU A 441 3.80 -13.28 5.82
CA LEU A 441 4.35 -14.34 4.98
C LEU A 441 4.88 -15.48 5.84
N LEU A 442 4.60 -16.71 5.39
CA LEU A 442 5.00 -17.92 6.10
C LEU A 442 5.99 -18.72 5.26
N TYR A 443 7.09 -19.09 5.87
CA TYR A 443 8.13 -19.83 5.15
C TYR A 443 8.43 -21.07 5.97
N GLY A 444 7.96 -22.20 5.49
CA GLY A 444 8.10 -23.42 6.23
C GLY A 444 7.69 -24.61 5.39
N GLN A 445 7.94 -25.79 5.96
CA GLN A 445 7.66 -27.04 5.29
C GLN A 445 6.20 -27.38 5.48
N GLY A 446 5.54 -27.74 4.38
CA GLY A 446 4.21 -28.32 4.47
C GLY A 446 3.06 -27.36 4.59
N LEU A 447 3.23 -26.13 4.13
CA LEU A 447 2.24 -25.09 4.30
C LEU A 447 1.50 -24.80 3.02
N ARG A 448 1.66 -25.65 2.01
CA ARG A 448 1.16 -25.31 0.67
C ARG A 448 -0.34 -25.02 0.66
N PHE A 449 -1.11 -25.60 1.56
CA PHE A 449 -2.56 -25.43 1.52
C PHE A 449 -3.05 -24.35 2.48
N VAL A 450 -2.16 -23.57 3.08
CA VAL A 450 -2.56 -22.49 3.97
C VAL A 450 -2.96 -21.26 3.15
N ASN A 451 -4.21 -20.82 3.30
CA ASN A 451 -4.74 -19.65 2.61
C ASN A 451 -5.00 -18.57 3.63
N LEU A 452 -4.14 -17.54 3.69
CA LEU A 452 -4.24 -16.55 4.76
C LEU A 452 -5.36 -15.54 4.50
N GLY A 453 -5.33 -14.94 3.33
CA GLY A 453 -6.18 -13.80 3.11
C GLY A 453 -5.84 -12.66 4.05
N LEU A 454 -6.88 -11.88 4.38
CA LEU A 454 -6.76 -10.69 5.23
C LEU A 454 -7.13 -11.12 6.63
N VAL A 455 -6.16 -11.08 7.55
CA VAL A 455 -6.37 -11.47 8.92
C VAL A 455 -6.08 -10.27 9.81
N ASP A 456 -6.40 -10.41 11.08
CA ASP A 456 -6.09 -9.36 12.04
C ASP A 456 -4.68 -9.56 12.55
N ASN A 457 -4.01 -8.46 12.93
CA ASN A 457 -2.65 -8.64 13.39
C ASN A 457 -2.60 -9.55 14.63
N THR A 458 -3.69 -9.62 15.39
CA THR A 458 -3.68 -10.52 16.54
C THR A 458 -3.58 -11.98 16.12
N HIS A 459 -3.84 -12.28 14.86
CA HIS A 459 -3.76 -13.67 14.45
C HIS A 459 -2.32 -14.17 14.43
N VAL A 460 -1.35 -13.25 14.34
CA VAL A 460 0.03 -13.68 14.40
C VAL A 460 0.29 -14.39 15.73
N PHE A 461 -0.32 -13.91 16.81
CA PHE A 461 -0.23 -14.61 18.09
C PHE A 461 -0.75 -16.04 18.01
N ARG A 462 -1.92 -16.22 17.38
CA ARG A 462 -2.47 -17.57 17.24
C ARG A 462 -1.58 -18.47 16.39
N LEU A 463 -1.00 -17.93 15.33
CA LEU A 463 -0.10 -18.73 14.50
C LEU A 463 1.14 -19.15 15.28
N MET A 464 1.71 -18.23 16.04
CA MET A 464 2.87 -18.60 16.84
C MET A 464 2.51 -19.68 17.85
N GLY A 465 1.34 -19.54 18.48
CA GLY A 465 0.96 -20.51 19.50
C GLY A 465 0.67 -21.87 18.91
N GLU A 466 -0.01 -21.91 17.76
CA GLU A 466 -0.25 -23.17 17.08
C GLU A 466 1.06 -23.83 16.72
N ALA A 467 1.96 -23.07 16.08
CA ALA A 467 3.22 -23.65 15.61
C ALA A 467 3.94 -24.40 16.72
N LEU A 468 3.95 -23.86 17.93
CA LEU A 468 4.77 -24.42 19.00
C LEU A 468 3.98 -25.16 20.08
N GLY A 469 2.66 -25.20 19.98
CA GLY A 469 1.88 -25.82 21.02
C GLY A 469 1.84 -24.97 22.27
N LEU A 470 1.81 -23.65 22.11
CA LEU A 470 1.85 -22.69 23.18
C LEU A 470 0.68 -21.74 23.07
N ARG A 471 -0.49 -22.26 22.73
CA ARG A 471 -1.69 -21.44 22.81
C ARG A 471 -2.10 -21.21 24.26
N TYR A 472 -2.35 -19.95 24.58
CA TYR A 472 -2.91 -19.48 25.84
C TYR A 472 -3.62 -18.18 25.52
N GLN A 473 -4.29 -17.60 26.51
CA GLN A 473 -5.07 -16.41 26.30
CA GLN A 473 -5.05 -16.38 26.26
C GLN A 473 -4.62 -15.30 27.24
N ASN A 474 -4.78 -14.06 26.79
CA ASN A 474 -4.55 -12.83 27.52
C ASN A 474 -5.88 -12.11 27.62
N PRO A 475 -6.08 -11.33 28.66
CA PRO A 475 -7.35 -10.61 28.76
C PRO A 475 -7.52 -9.53 27.70
N VAL A 476 -8.77 -9.24 27.45
CA VAL A 476 -9.23 -8.30 26.44
C VAL A 476 -9.77 -7.05 27.13
N MET A 477 -9.70 -5.93 26.41
CA MET A 477 -10.33 -4.67 26.77
C MET A 477 -11.08 -4.20 25.53
N SER A 478 -12.28 -3.66 25.73
CA SER A 478 -13.07 -3.15 24.64
C SER A 478 -12.62 -1.75 24.28
N GLU A 479 -12.93 -1.35 23.05
CA GLU A 479 -12.59 -0.01 22.60
C GLU A 479 -13.21 1.05 23.50
N GLU A 480 -14.48 0.86 23.87
CA GLU A 480 -15.15 1.83 24.73
C GLU A 480 -14.51 1.85 26.11
N GLU A 481 -14.13 0.69 26.64
CA GLU A 481 -13.46 0.73 27.94
C GLU A 481 -12.20 1.57 27.85
N ALA A 482 -11.43 1.37 26.76
CA ALA A 482 -10.15 2.03 26.60
C ALA A 482 -10.31 3.53 26.42
N LEU A 483 -11.33 3.94 25.66
CA LEU A 483 -11.55 5.35 25.43
C LEU A 483 -11.89 6.08 26.73
N GLU A 484 -12.68 5.43 27.61
CA GLU A 484 -12.99 5.99 28.92
C GLU A 484 -11.72 6.20 29.72
N ILE A 485 -10.84 5.20 29.75
CA ILE A 485 -9.57 5.33 30.46
C ILE A 485 -8.77 6.48 29.90
N LEU A 486 -8.75 6.60 28.57
CA LEU A 486 -7.93 7.63 27.95
C LEU A 486 -8.50 9.02 28.23
N LYS A 487 -9.82 9.10 28.39
CA LYS A 487 -10.45 10.38 28.71
C LYS A 487 -9.98 10.89 30.05
N ALA A 488 -9.81 9.97 31.01
CA ALA A 488 -9.46 10.29 32.39
C ALA A 488 -7.98 10.54 32.60
N ARG A 489 -7.14 10.36 31.58
CA ARG A 489 -5.69 10.50 31.74
C ARG A 489 -5.31 11.97 31.91
N ALA B 17 19.76 -7.40 -22.73
CA ALA B 17 19.05 -8.50 -23.38
C ALA B 17 18.79 -9.65 -22.37
N LEU B 18 19.54 -9.67 -21.27
CA LEU B 18 19.55 -10.80 -20.36
C LEU B 18 18.71 -10.53 -19.11
N LEU B 19 18.11 -11.63 -18.59
CA LEU B 19 17.20 -11.59 -17.47
C LEU B 19 17.96 -11.52 -16.15
N PRO B 20 17.39 -10.86 -15.15
CA PRO B 20 18.06 -10.72 -13.86
C PRO B 20 18.30 -12.05 -13.18
N ARG B 21 19.37 -12.09 -12.39
CA ARG B 21 19.72 -13.26 -11.62
C ARG B 21 18.59 -13.64 -10.68
N GLY B 22 18.15 -14.89 -10.76
CA GLY B 22 16.99 -15.36 -10.02
C GLY B 22 15.67 -15.27 -10.75
N HIS B 23 15.66 -14.92 -12.03
CA HIS B 23 14.39 -14.71 -12.73
C HIS B 23 13.47 -15.93 -12.70
N THR B 24 14.03 -17.14 -12.60
CA THR B 24 13.21 -18.33 -12.56
C THR B 24 12.38 -18.41 -11.30
N GLN B 25 12.66 -17.55 -10.30
CA GLN B 25 11.91 -17.56 -9.05
C GLN B 25 11.11 -16.29 -8.85
N GLY B 26 11.02 -15.43 -9.86
CA GLY B 26 10.34 -14.16 -9.72
C GLY B 26 8.84 -14.30 -9.85
N ALA B 27 8.15 -13.17 -9.66
CA ALA B 27 6.69 -13.17 -9.67
C ALA B 27 6.13 -13.47 -11.06
N LEU B 28 6.83 -13.06 -12.10
CA LEU B 28 6.36 -13.42 -13.44
C LEU B 28 6.19 -14.94 -13.58
N GLN B 29 7.02 -15.74 -12.91
CA GLN B 29 6.90 -17.20 -13.04
C GLN B 29 5.95 -17.81 -12.01
N ASN B 30 5.27 -17.01 -11.19
CA ASN B 30 4.21 -17.48 -10.30
C ASN B 30 2.90 -17.40 -11.08
N GLN B 31 2.43 -18.53 -11.57
CA GLN B 31 1.27 -18.58 -12.48
C GLN B 31 0.31 -19.64 -11.94
N PRO B 32 -0.30 -19.37 -10.79
CA PRO B 32 -1.21 -20.34 -10.19
C PRO B 32 -2.47 -20.56 -11.04
N SER B 33 -2.97 -21.79 -10.99
CA SER B 33 -4.07 -22.27 -11.81
C SER B 33 -5.35 -22.19 -10.99
N LEU B 34 -6.45 -21.91 -11.69
CA LEU B 34 -7.78 -22.03 -11.08
C LEU B 34 -8.15 -23.48 -10.82
N GLY B 35 -7.80 -24.38 -11.75
CA GLY B 35 -8.28 -25.75 -11.64
C GLY B 35 -9.79 -25.91 -11.72
N ARG B 36 -10.50 -24.94 -12.27
CA ARG B 36 -11.94 -25.00 -12.48
C ARG B 36 -12.20 -24.36 -13.85
N ARG B 37 -13.36 -24.65 -14.41
CA ARG B 37 -13.82 -24.09 -15.69
C ARG B 37 -15.18 -23.44 -15.47
N TYR B 38 -15.46 -22.38 -16.24
CA TYR B 38 -16.67 -21.60 -16.05
C TYR B 38 -17.29 -21.31 -17.40
N ARG B 39 -18.58 -20.94 -17.38
CA ARG B 39 -19.28 -20.49 -18.57
C ARG B 39 -19.23 -18.97 -18.72
N ASN B 40 -19.32 -18.22 -17.62
CA ASN B 40 -19.37 -16.78 -17.64
C ASN B 40 -18.24 -16.19 -16.80
N LEU B 41 -17.93 -14.94 -17.05
CA LEU B 41 -16.81 -14.29 -16.38
C LEU B 41 -17.15 -12.83 -16.17
N ILE B 42 -17.00 -12.38 -14.93
CA ILE B 42 -17.19 -10.98 -14.56
C ILE B 42 -15.87 -10.48 -14.02
N VAL B 43 -15.38 -9.38 -14.58
CA VAL B 43 -14.15 -8.75 -14.14
C VAL B 43 -14.52 -7.39 -13.56
N PHE B 44 -14.26 -7.20 -12.27
CA PHE B 44 -14.59 -5.98 -11.55
C PHE B 44 -13.29 -5.24 -11.24
N VAL B 45 -13.02 -4.16 -11.98
CA VAL B 45 -11.79 -3.41 -11.82
C VAL B 45 -12.06 -2.21 -10.91
N TYR B 46 -11.32 -2.16 -9.82
CA TYR B 46 -11.20 -0.99 -8.96
C TYR B 46 -10.03 -0.18 -9.52
N ASP B 47 -10.34 0.83 -10.33
CA ASP B 47 -9.26 1.59 -10.95
C ASP B 47 -8.57 2.51 -9.94
N GLY B 48 -7.25 2.41 -9.87
CA GLY B 48 -6.45 3.25 -9.00
C GLY B 48 -6.52 2.93 -7.51
N PHE B 49 -7.01 1.75 -7.14
CA PHE B 49 -7.37 1.45 -5.75
C PHE B 49 -6.19 0.87 -5.00
N SER B 50 -5.81 1.55 -3.92
CA SER B 50 -4.65 1.23 -3.13
C SER B 50 -5.09 0.60 -1.81
N TRP B 51 -4.11 0.07 -1.06
CA TRP B 51 -4.39 -0.48 0.25
C TRP B 51 -4.67 0.60 1.28
N GLU B 52 -4.24 1.84 1.03
CA GLU B 52 -4.61 2.95 1.91
C GLU B 52 -6.08 3.31 1.70
N ASP B 53 -6.53 3.32 0.43
CA ASP B 53 -7.96 3.50 0.20
C ASP B 53 -8.74 2.45 0.96
N TYR B 54 -8.26 1.21 0.86
CA TYR B 54 -8.98 0.11 1.46
C TYR B 54 -9.11 0.31 2.97
N ALA B 55 -8.00 0.66 3.64
CA ALA B 55 -8.04 0.82 5.09
C ALA B 55 -9.05 1.90 5.49
N ILE B 56 -9.06 3.02 4.77
CA ILE B 56 -10.01 4.08 5.11
C ILE B 56 -11.44 3.60 4.98
N ALA B 57 -11.78 2.92 3.88
CA ALA B 57 -13.17 2.54 3.69
C ALA B 57 -13.58 1.46 4.68
N GLN B 58 -12.70 0.47 4.89
CA GLN B 58 -12.92 -0.54 5.91
C GLN B 58 -13.25 0.11 7.26
N ALA B 59 -12.45 1.10 7.66
CA ALA B 59 -12.69 1.80 8.92
C ALA B 59 -13.98 2.60 8.89
N TYR B 60 -14.26 3.31 7.79
CA TYR B 60 -15.46 4.12 7.73
C TYR B 60 -16.71 3.25 7.86
N ALA B 61 -16.76 2.14 7.13
CA ALA B 61 -17.92 1.26 7.20
C ALA B 61 -18.18 0.83 8.64
N ARG B 62 -17.14 0.38 9.32
CA ARG B 62 -17.31 -0.12 10.69
C ARG B 62 -17.66 1.01 11.65
N ARG B 63 -16.87 2.09 11.64
CA ARG B 63 -16.98 3.12 12.66
C ARG B 63 -18.14 4.07 12.43
N ARG B 64 -18.43 4.45 11.18
CA ARG B 64 -19.45 5.44 10.92
C ARG B 64 -20.72 4.84 10.37
N GLN B 65 -20.68 3.62 9.87
CA GLN B 65 -21.87 2.97 9.33
C GLN B 65 -22.23 1.70 10.08
N GLY B 66 -21.47 1.35 11.11
CA GLY B 66 -21.82 0.17 11.88
C GLY B 66 -21.92 -1.11 11.07
N ARG B 67 -21.06 -1.30 10.08
CA ARG B 67 -21.15 -2.48 9.23
C ARG B 67 -19.77 -2.85 8.68
N VAL B 68 -19.64 -4.14 8.34
CA VAL B 68 -18.41 -4.66 7.75
C VAL B 68 -18.49 -4.53 6.23
N LEU B 69 -17.54 -3.78 5.66
CA LEU B 69 -17.43 -3.67 4.21
C LEU B 69 -17.49 -5.05 3.54
N ALA B 70 -18.30 -5.16 2.49
CA ALA B 70 -18.37 -6.43 1.79
C ALA B 70 -17.01 -6.85 1.26
N LEU B 71 -16.22 -5.88 0.81
CA LEU B 71 -14.87 -6.24 0.34
C LEU B 71 -14.05 -6.83 1.48
N GLU B 72 -14.20 -6.30 2.71
CA GLU B 72 -13.49 -6.92 3.84
C GLU B 72 -13.89 -8.38 3.97
N ARG B 73 -15.20 -8.65 3.92
CA ARG B 73 -15.70 -10.01 4.10
C ARG B 73 -15.09 -10.92 3.05
N LEU B 74 -14.95 -10.40 1.83
CA LEU B 74 -14.42 -11.21 0.74
C LEU B 74 -12.93 -11.48 0.92
N LEU B 75 -12.16 -10.46 1.30
CA LEU B 75 -10.72 -10.69 1.48
C LEU B 75 -10.46 -11.59 2.68
N ALA B 76 -11.36 -11.58 3.65
CA ALA B 76 -11.24 -12.43 4.80
C ALA B 76 -11.66 -13.85 4.53
N ARG B 77 -12.05 -14.20 3.30
CA ARG B 77 -12.51 -15.57 3.08
C ARG B 77 -12.08 -16.20 1.77
N TYR B 78 -12.15 -15.46 0.68
CA TYR B 78 -11.89 -16.01 -0.63
C TYR B 78 -10.45 -15.78 -1.02
N PRO B 79 -9.96 -16.54 -1.99
CA PRO B 79 -8.55 -16.43 -2.34
C PRO B 79 -8.23 -15.04 -2.89
N ASN B 80 -7.19 -14.45 -2.33
CA ASN B 80 -6.72 -13.19 -2.86
C ASN B 80 -5.21 -13.09 -2.67
N GLY B 81 -4.62 -12.28 -3.52
CA GLY B 81 -3.19 -12.03 -3.53
C GLY B 81 -2.92 -10.67 -4.13
N LEU B 82 -1.74 -10.53 -4.74
CA LEU B 82 -1.22 -9.27 -5.25
C LEU B 82 -0.79 -9.37 -6.70
N ILE B 83 -0.91 -8.27 -7.44
CA ILE B 83 -0.36 -8.19 -8.79
C ILE B 83 0.68 -7.09 -8.83
N ASN B 84 1.84 -7.41 -9.41
CA ASN B 84 2.73 -6.35 -9.90
C ASN B 84 2.11 -5.62 -11.09
N THR B 85 2.20 -4.29 -11.07
CA THR B 85 1.54 -3.44 -12.06
C THR B 85 2.48 -2.74 -13.04
N TYR B 86 3.79 -2.89 -12.89
CA TYR B 86 4.67 -2.15 -13.79
C TYR B 86 4.38 -2.52 -15.25
N SER B 87 4.71 -1.60 -16.14
CA SER B 87 4.55 -1.82 -17.56
C SER B 87 5.91 -2.10 -18.19
N LEU B 88 5.96 -2.07 -19.51
CA LEU B 88 7.10 -2.61 -20.23
C LEU B 88 8.36 -1.79 -19.98
N THR B 89 8.23 -0.46 -19.89
CA THR B 89 9.38 0.43 -19.73
C THR B 89 9.30 1.34 -18.50
N SER B 90 8.24 1.23 -17.70
CA SER B 90 8.08 2.07 -16.53
C SER B 90 7.56 1.23 -15.36
N TYR B 91 8.12 1.48 -14.18
CA TYR B 91 7.65 0.87 -12.94
C TYR B 91 6.35 1.48 -12.42
N VAL B 92 5.88 2.54 -13.05
CA VAL B 92 4.57 3.07 -12.78
C VAL B 92 3.81 3.03 -14.08
N THR B 93 2.71 2.29 -14.08
CA THR B 93 1.86 2.10 -15.25
C THR B 93 0.81 3.18 -15.32
N GLU B 94 0.20 3.31 -16.48
CA GLU B 94 -1.10 3.97 -16.49
C GLU B 94 -2.14 2.95 -16.94
N SER B 95 -3.38 3.43 -17.11
CA SER B 95 -4.52 2.53 -17.23
C SER B 95 -4.53 1.70 -18.52
N SER B 96 -3.98 2.22 -19.64
CA SER B 96 -4.04 1.45 -20.89
C SER B 96 -3.09 0.27 -20.87
N ALA B 97 -1.85 0.47 -20.42
CA ALA B 97 -0.94 -0.66 -20.32
C ALA B 97 -1.41 -1.65 -19.25
N ALA B 98 -1.99 -1.15 -18.17
CA ALA B 98 -2.53 -2.03 -17.14
C ALA B 98 -3.66 -2.88 -17.69
N GLY B 99 -4.61 -2.25 -18.38
CA GLY B 99 -5.67 -3.03 -19.04
C GLY B 99 -5.13 -4.03 -20.06
N ASN B 100 -4.15 -3.62 -20.86
CA ASN B 100 -3.57 -4.55 -21.83
C ASN B 100 -2.97 -5.78 -21.14
N ALA B 101 -2.34 -5.58 -19.99
CA ALA B 101 -1.75 -6.73 -19.30
C ALA B 101 -2.84 -7.72 -18.97
N PHE B 102 -3.98 -7.19 -18.52
CA PHE B 102 -5.10 -8.06 -18.21
C PHE B 102 -5.66 -8.68 -19.47
N SER B 103 -5.92 -7.85 -20.49
CA SER B 103 -6.72 -8.31 -21.62
C SER B 103 -5.90 -8.99 -22.69
N CYS B 104 -4.60 -8.75 -22.72
CA CYS B 104 -3.72 -9.28 -23.74
C CYS B 104 -2.61 -10.14 -23.18
N GLY B 105 -2.36 -10.09 -21.88
CA GLY B 105 -1.39 -11.02 -21.31
C GLY B 105 0.05 -10.68 -21.58
N VAL B 106 0.33 -9.49 -22.13
CA VAL B 106 1.70 -9.06 -22.37
C VAL B 106 1.87 -7.64 -21.83
N LYS B 107 3.10 -7.28 -21.55
CA LYS B 107 3.43 -5.92 -21.16
C LYS B 107 3.48 -5.05 -22.40
N THR B 108 2.97 -3.83 -22.28
CA THR B 108 2.97 -2.88 -23.37
C THR B 108 3.46 -1.54 -22.87
N VAL B 109 3.79 -0.67 -23.82
CA VAL B 109 4.13 0.72 -23.51
C VAL B 109 2.87 1.47 -23.10
N ASN B 110 2.97 2.25 -22.01
CA ASN B 110 1.85 3.11 -21.58
C ASN B 110 1.33 3.91 -22.78
N GLY B 111 0.00 3.92 -22.97
CA GLY B 111 -0.64 4.81 -23.93
C GLY B 111 -1.50 4.14 -24.99
N GLY B 112 -1.11 2.96 -25.44
CA GLY B 112 -1.83 2.27 -26.50
C GLY B 112 -2.82 1.26 -25.96
N LEU B 113 -3.90 1.03 -26.70
CA LEU B 113 -4.92 0.05 -26.37
C LEU B 113 -4.72 -1.20 -27.20
N ALA B 114 -4.46 -2.32 -26.53
CA ALA B 114 -4.32 -3.62 -27.15
C ALA B 114 -3.42 -3.51 -28.37
N ILE B 115 -2.23 -2.99 -28.15
CA ILE B 115 -1.33 -2.65 -29.24
C ILE B 115 0.05 -2.44 -28.64
N HIS B 116 1.07 -2.87 -29.36
CA HIS B 116 2.42 -2.54 -28.94
C HIS B 116 2.87 -1.21 -29.51
N ALA B 117 4.05 -0.76 -29.04
CA ALA B 117 4.55 0.58 -29.34
C ALA B 117 4.98 0.73 -30.80
N ASP B 118 5.23 -0.36 -31.50
CA ASP B 118 5.52 -0.30 -32.91
C ASP B 118 4.28 -0.47 -33.77
N GLY B 119 3.08 -0.41 -33.16
CA GLY B 119 1.84 -0.59 -33.87
C GLY B 119 1.41 -2.03 -34.08
N THR B 120 2.14 -3.00 -33.60
CA THR B 120 1.67 -4.37 -33.64
C THR B 120 0.37 -4.54 -32.88
N PRO B 121 -0.74 -4.89 -33.53
CA PRO B 121 -1.99 -5.05 -32.79
C PRO B 121 -1.98 -6.32 -31.93
N LEU B 122 -2.79 -6.30 -30.87
CA LEU B 122 -2.96 -7.44 -29.98
C LEU B 122 -4.44 -7.78 -29.94
N LYS B 123 -4.75 -9.04 -29.62
CA LYS B 123 -6.14 -9.48 -29.55
C LYS B 123 -6.58 -9.49 -28.10
N PRO B 124 -7.44 -8.57 -27.68
CA PRO B 124 -7.82 -8.54 -26.26
C PRO B 124 -8.93 -9.55 -25.97
N PHE B 125 -8.99 -9.93 -24.69
CA PHE B 125 -9.67 -11.15 -24.32
C PHE B 125 -11.16 -11.11 -24.64
N PHE B 126 -11.82 -9.95 -24.47
CA PHE B 126 -13.27 -9.94 -24.68
C PHE B 126 -13.59 -10.08 -26.16
N ALA B 127 -12.67 -9.64 -27.04
CA ALA B 127 -12.79 -9.89 -28.48
C ALA B 127 -12.71 -11.37 -28.77
N ALA B 128 -11.75 -12.07 -28.15
CA ALA B 128 -11.70 -13.52 -28.27
C ALA B 128 -12.97 -14.15 -27.70
N ALA B 129 -13.46 -13.63 -26.57
CA ALA B 129 -14.68 -14.17 -25.97
C ALA B 129 -15.89 -14.01 -26.90
N LYS B 130 -16.00 -12.88 -27.58
CA LYS B 130 -17.12 -12.71 -28.49
C LYS B 130 -16.98 -13.65 -29.69
N GLU B 131 -15.77 -13.81 -30.22
CA GLU B 131 -15.56 -14.76 -31.30
C GLU B 131 -15.99 -16.15 -30.89
N ALA B 132 -15.81 -16.51 -29.63
CA ALA B 132 -16.26 -17.81 -29.15
C ALA B 132 -17.74 -17.82 -28.74
N GLY B 133 -18.51 -16.78 -29.04
CA GLY B 133 -19.94 -16.78 -28.80
C GLY B 133 -20.41 -16.23 -27.47
N LYS B 134 -19.52 -15.61 -26.68
CA LYS B 134 -19.95 -14.96 -25.44
C LYS B 134 -20.56 -13.59 -25.73
N ALA B 135 -21.66 -13.27 -25.06
CA ALA B 135 -22.09 -11.88 -24.97
C ALA B 135 -21.08 -11.07 -24.18
N VAL B 136 -21.01 -9.76 -24.47
CA VAL B 136 -20.04 -8.87 -23.85
C VAL B 136 -20.73 -7.65 -23.30
N GLY B 137 -20.39 -7.28 -22.09
CA GLY B 137 -20.83 -6.04 -21.49
C GLY B 137 -19.69 -5.23 -20.93
N LEU B 138 -19.77 -3.93 -21.08
CA LEU B 138 -18.83 -3.02 -20.47
C LEU B 138 -19.63 -1.98 -19.71
N VAL B 139 -19.33 -1.86 -18.43
CA VAL B 139 -20.06 -0.97 -17.52
C VAL B 139 -19.05 -0.22 -16.69
N THR B 140 -19.12 1.11 -16.70
CA THR B 140 -18.11 1.88 -16.00
C THR B 140 -18.67 3.24 -15.62
N THR B 141 -18.02 3.85 -14.62
CA THR B 141 -18.28 5.23 -14.26
C THR B 141 -17.40 6.22 -15.01
N THR B 142 -16.42 5.74 -15.79
CA THR B 142 -15.70 6.64 -16.69
C THR B 142 -16.52 6.82 -17.97
N THR B 143 -16.04 7.64 -18.88
CA THR B 143 -16.55 7.57 -20.24
C THR B 143 -16.49 6.12 -20.71
N VAL B 144 -17.52 5.69 -21.44
CA VAL B 144 -17.62 4.29 -21.79
C VAL B 144 -16.48 3.88 -22.70
N THR B 145 -15.90 4.84 -23.42
CA THR B 145 -14.80 4.65 -24.33
C THR B 145 -13.44 4.74 -23.66
N HIS B 146 -13.40 4.86 -22.33
CA HIS B 146 -12.13 5.08 -21.63
C HIS B 146 -11.26 3.81 -21.65
N ALA B 147 -10.02 3.94 -21.16
CA ALA B 147 -9.02 2.91 -21.47
C ALA B 147 -9.36 1.54 -20.87
N THR B 148 -9.88 1.49 -19.65
CA THR B 148 -10.05 0.19 -18.99
C THR B 148 -11.04 -0.68 -19.75
N PRO B 149 -12.24 -0.22 -20.06
CA PRO B 149 -13.12 -1.04 -20.92
C PRO B 149 -12.57 -1.24 -22.33
N ALA B 150 -12.10 -0.16 -22.97
CA ALA B 150 -11.75 -0.25 -24.39
C ALA B 150 -10.60 -1.24 -24.60
N SER B 151 -9.68 -1.33 -23.64
CA SER B 151 -8.56 -2.23 -23.77
C SER B 151 -8.96 -3.69 -23.76
N PHE B 152 -10.17 -4.00 -23.32
CA PHE B 152 -10.61 -5.37 -23.32
C PHE B 152 -11.24 -5.77 -24.65
N VAL B 153 -11.54 -4.80 -25.54
CA VAL B 153 -12.31 -5.15 -26.73
C VAL B 153 -11.72 -4.67 -28.06
N ILE B 154 -10.96 -3.58 -28.07
CA ILE B 154 -10.52 -3.03 -29.35
C ILE B 154 -9.07 -2.57 -29.24
N SER B 155 -8.47 -2.37 -30.40
CA SER B 155 -7.10 -1.91 -30.50
C SER B 155 -7.05 -0.51 -31.09
N ASN B 156 -6.16 0.34 -30.55
CA ASN B 156 -6.04 1.71 -31.00
C ASN B 156 -4.73 2.30 -30.50
N PRO B 157 -3.89 2.86 -31.39
CA PRO B 157 -2.61 3.39 -30.93
C PRO B 157 -2.73 4.52 -29.92
N ASP B 158 -3.88 5.18 -29.82
CA ASP B 158 -4.00 6.34 -28.92
C ASP B 158 -5.24 6.20 -28.05
N ARG B 159 -5.02 5.90 -26.77
CA ARG B 159 -6.13 5.74 -25.84
C ARG B 159 -7.03 6.95 -25.80
N ASN B 160 -6.53 8.12 -26.18
CA ASN B 160 -7.28 9.37 -26.10
C ASN B 160 -8.16 9.62 -27.32
N ALA B 161 -8.05 8.82 -28.38
CA ALA B 161 -8.92 8.99 -29.55
C ALA B 161 -10.29 8.34 -29.31
N GLU B 162 -11.02 8.89 -28.34
CA GLU B 162 -12.28 8.24 -27.92
C GLU B 162 -13.40 8.44 -28.94
N GLU B 163 -13.34 9.49 -29.75
CA GLU B 163 -14.31 9.60 -30.85
C GLU B 163 -14.18 8.42 -31.78
N ARG B 164 -12.94 7.95 -32.01
CA ARG B 164 -12.74 6.78 -32.89
C ARG B 164 -13.10 5.50 -32.16
N ILE B 165 -12.76 5.42 -30.87
CA ILE B 165 -13.15 4.23 -30.08
C ILE B 165 -14.65 4.05 -30.12
N ALA B 166 -15.40 5.16 -29.99
CA ALA B 166 -16.86 5.04 -30.09
C ALA B 166 -17.26 4.41 -31.42
N GLU B 167 -16.61 4.83 -32.52
CA GLU B 167 -16.86 4.17 -33.81
C GLU B 167 -16.49 2.70 -33.75
N GLN B 168 -15.36 2.38 -33.10
CA GLN B 168 -14.94 0.97 -33.02
C GLN B 168 -15.93 0.16 -32.19
N TYR B 169 -16.51 0.79 -31.18
CA TYR B 169 -17.53 0.10 -30.40
C TYR B 169 -18.72 -0.29 -31.26
N LEU B 170 -18.98 0.46 -32.34
CA LEU B 170 -20.11 0.13 -33.19
C LEU B 170 -19.87 -1.18 -33.91
N GLU B 171 -18.67 -1.37 -34.44
CA GLU B 171 -18.39 -2.60 -35.16
C GLU B 171 -18.10 -3.76 -34.20
N PHE B 172 -17.53 -3.48 -33.03
CA PHE B 172 -17.33 -4.56 -32.06
C PHE B 172 -18.66 -5.20 -31.67
N GLY B 173 -19.68 -4.38 -31.37
CA GLY B 173 -21.03 -4.90 -31.18
C GLY B 173 -21.34 -5.54 -29.84
N ALA B 174 -20.68 -5.09 -28.77
CA ALA B 174 -20.98 -5.59 -27.44
C ALA B 174 -22.46 -5.41 -27.15
N GLU B 175 -23.02 -6.37 -26.42
CA GLU B 175 -24.44 -6.37 -26.11
C GLU B 175 -24.84 -5.20 -25.22
N VAL B 176 -23.94 -4.74 -24.36
CA VAL B 176 -24.21 -3.64 -23.42
C VAL B 176 -22.99 -2.74 -23.32
N TYR B 177 -23.22 -1.44 -23.49
CA TYR B 177 -22.22 -0.41 -23.21
C TYR B 177 -22.89 0.58 -22.26
N LEU B 178 -22.29 0.81 -21.09
CA LEU B 178 -22.89 1.75 -20.14
C LEU B 178 -21.84 2.59 -19.46
N GLY B 179 -22.03 3.89 -19.41
CA GLY B 179 -21.06 4.77 -18.79
C GLY B 179 -21.25 6.22 -19.23
N GLY B 180 -20.15 6.96 -19.20
CA GLY B 180 -20.16 8.35 -19.64
C GLY B 180 -19.75 8.49 -21.09
N GLY B 181 -19.58 9.76 -21.50
CA GLY B 181 -18.98 10.08 -22.78
C GLY B 181 -19.89 10.59 -23.87
N ASP B 182 -20.89 11.40 -23.52
CA ASP B 182 -21.78 11.90 -24.56
C ASP B 182 -21.01 12.74 -25.59
N ARG B 183 -19.88 13.33 -25.18
CA ARG B 183 -19.12 14.14 -26.13
C ARG B 183 -18.55 13.31 -27.27
N PHE B 184 -18.59 11.98 -27.16
CA PHE B 184 -18.02 11.09 -28.16
C PHE B 184 -19.08 10.44 -29.02
N PHE B 185 -20.36 10.64 -28.73
CA PHE B 185 -21.45 10.06 -29.48
C PHE B 185 -22.41 11.11 -30.01
N ASN B 186 -22.47 12.29 -29.38
CA ASN B 186 -23.44 13.32 -29.72
C ASN B 186 -23.02 14.04 -31.00
N PRO B 187 -23.88 14.10 -32.01
CA PRO B 187 -23.52 14.84 -33.23
C PRO B 187 -23.15 16.29 -32.94
N ALA B 188 -23.77 16.91 -31.93
CA ALA B 188 -23.45 18.29 -31.60
C ALA B 188 -22.09 18.43 -30.93
N ARG B 189 -21.48 17.31 -30.52
CA ARG B 189 -20.23 17.36 -29.77
C ARG B 189 -19.06 16.75 -30.51
N ARG B 190 -19.27 15.68 -31.28
CA ARG B 190 -18.19 15.10 -32.07
C ARG B 190 -17.67 16.10 -33.10
N LYS B 191 -16.33 16.19 -33.24
CA LYS B 191 -15.76 17.07 -34.26
C LYS B 191 -16.36 16.78 -35.64
N ASP B 192 -16.50 15.51 -35.99
CA ASP B 192 -17.01 15.14 -37.32
C ASP B 192 -18.52 15.29 -37.43
N GLY B 193 -19.18 15.81 -36.38
CA GLY B 193 -20.61 16.03 -36.39
C GLY B 193 -21.47 14.84 -36.70
N LYS B 194 -20.94 13.62 -36.62
CA LYS B 194 -21.70 12.42 -36.99
C LYS B 194 -22.50 11.94 -35.78
N ASP B 195 -23.68 11.40 -36.05
CA ASP B 195 -24.63 11.04 -35.00
C ASP B 195 -24.53 9.56 -34.71
N LEU B 196 -23.65 9.21 -33.77
CA LEU B 196 -23.41 7.80 -33.50
C LEU B 196 -24.58 7.14 -32.78
N TYR B 197 -25.29 7.87 -31.92
CA TYR B 197 -26.48 7.28 -31.35
C TYR B 197 -27.38 6.75 -32.47
N ALA B 198 -27.52 7.52 -33.55
CA ALA B 198 -28.36 7.05 -34.64
C ALA B 198 -27.82 5.75 -35.22
N ALA B 199 -26.49 5.64 -35.35
CA ALA B 199 -25.88 4.43 -35.90
C ALA B 199 -26.11 3.23 -34.99
N PHE B 200 -25.96 3.42 -33.66
CA PHE B 200 -26.23 2.31 -32.75
C PHE B 200 -27.70 1.94 -32.76
N ALA B 201 -28.58 2.94 -32.75
CA ALA B 201 -30.00 2.64 -32.85
C ALA B 201 -30.31 1.88 -34.13
N ALA B 202 -29.68 2.26 -35.25
CA ALA B 202 -29.90 1.53 -36.49
C ALA B 202 -29.55 0.05 -36.33
N LYS B 203 -28.58 -0.28 -35.49
CA LYS B 203 -28.21 -1.68 -35.29
C LYS B 203 -29.08 -2.36 -34.26
N GLY B 204 -30.14 -1.70 -33.77
CA GLY B 204 -31.02 -2.31 -32.80
C GLY B 204 -30.72 -2.04 -31.34
N TYR B 205 -29.71 -1.22 -31.05
CA TYR B 205 -29.44 -0.83 -29.67
C TYR B 205 -30.52 0.10 -29.15
N GLY B 206 -31.06 -0.21 -27.96
CA GLY B 206 -31.74 0.82 -27.19
C GLY B 206 -30.72 1.82 -26.70
N VAL B 207 -31.03 3.09 -26.85
CA VAL B 207 -30.16 4.18 -26.41
C VAL B 207 -30.82 4.85 -25.22
N VAL B 208 -30.08 5.00 -24.13
CA VAL B 208 -30.63 5.64 -22.93
C VAL B 208 -29.62 6.65 -22.43
N ARG B 209 -30.13 7.73 -21.84
CA ARG B 209 -29.26 8.82 -21.41
C ARG B 209 -29.51 9.26 -19.99
N THR B 210 -30.44 8.63 -19.29
CA THR B 210 -30.78 8.98 -17.93
C THR B 210 -31.09 7.72 -17.15
N PRO B 211 -31.04 7.80 -15.82
CA PRO B 211 -31.38 6.62 -15.00
C PRO B 211 -32.79 6.12 -15.23
N GLU B 212 -33.74 7.03 -15.37
CA GLU B 212 -35.13 6.62 -15.60
C GLU B 212 -35.26 5.88 -16.92
N GLU B 213 -34.69 6.46 -18.00
CA GLU B 213 -34.67 5.76 -19.29
C GLU B 213 -34.03 4.38 -19.17
N LEU B 214 -32.93 4.29 -18.43
CA LEU B 214 -32.23 3.03 -18.29
C LEU B 214 -33.12 1.96 -17.68
N VAL B 215 -33.79 2.30 -16.58
CA VAL B 215 -34.52 1.27 -15.87
C VAL B 215 -35.78 0.92 -16.63
N ARG B 216 -36.33 1.89 -17.36
CA ARG B 216 -37.55 1.66 -18.13
C ARG B 216 -37.29 0.84 -19.37
N SER B 217 -36.10 0.95 -19.95
CA SER B 217 -35.86 0.30 -21.23
C SER B 217 -36.03 -1.19 -21.11
N ASN B 218 -36.65 -1.77 -22.15
CA ASN B 218 -36.72 -3.20 -22.34
C ASN B 218 -35.90 -3.66 -23.55
N ALA B 219 -35.01 -2.79 -24.04
CA ALA B 219 -34.16 -3.17 -25.16
C ALA B 219 -33.22 -4.30 -24.73
N THR B 220 -33.03 -5.26 -25.64
CA THR B 220 -32.14 -6.38 -25.37
C THR B 220 -30.68 -5.94 -25.34
N ARG B 221 -30.27 -5.14 -26.30
CA ARG B 221 -28.94 -4.57 -26.34
C ARG B 221 -29.04 -3.08 -26.03
N LEU B 222 -28.01 -2.55 -25.35
CA LEU B 222 -28.09 -1.24 -24.74
C LEU B 222 -26.83 -0.43 -24.95
N LEU B 223 -27.01 0.82 -25.33
CA LEU B 223 -26.01 1.86 -25.21
C LEU B 223 -26.62 2.88 -24.27
N GLY B 224 -25.95 3.10 -23.13
CA GLY B 224 -26.40 4.06 -22.15
C GLY B 224 -25.25 4.98 -21.87
N VAL B 225 -25.44 6.26 -22.12
CA VAL B 225 -24.40 7.27 -21.95
C VAL B 225 -25.03 8.38 -21.12
N PHE B 226 -24.45 8.67 -19.94
CA PHE B 226 -25.18 9.37 -18.90
C PHE B 226 -24.59 10.70 -18.50
N ALA B 227 -23.52 11.15 -19.15
CA ALA B 227 -22.90 12.42 -18.82
C ALA B 227 -22.02 12.81 -19.99
N ASP B 228 -21.58 14.08 -20.01
CA ASP B 228 -20.82 14.54 -21.17
C ASP B 228 -19.43 13.88 -21.17
N GLY B 229 -18.74 13.91 -20.04
CA GLY B 229 -17.54 13.13 -19.84
C GLY B 229 -17.81 11.98 -18.90
N HIS B 230 -16.95 11.83 -17.88
CA HIS B 230 -17.11 10.76 -16.90
C HIS B 230 -18.41 10.95 -16.12
N VAL B 231 -18.95 9.84 -15.61
CA VAL B 231 -20.10 9.91 -14.71
C VAL B 231 -19.69 10.56 -13.41
N PRO B 232 -20.55 11.37 -12.77
CA PRO B 232 -20.12 12.04 -11.55
C PRO B 232 -19.72 11.08 -10.45
N TYR B 233 -18.79 11.54 -9.62
CA TYR B 233 -18.44 10.83 -8.40
C TYR B 233 -19.67 10.46 -7.62
N GLU B 234 -19.58 9.31 -6.93
CA GLU B 234 -20.69 8.89 -6.07
C GLU B 234 -21.04 9.96 -5.04
N ILE B 235 -20.05 10.66 -4.49
CA ILE B 235 -20.36 11.60 -3.43
C ILE B 235 -21.22 12.73 -3.97
N ASP B 236 -20.94 13.16 -5.20
CA ASP B 236 -21.73 14.18 -5.87
C ASP B 236 -23.11 13.68 -6.29
N ARG B 237 -23.18 12.48 -6.87
CA ARG B 237 -24.48 11.90 -7.14
C ARG B 237 -25.33 11.89 -5.87
N ARG B 238 -24.71 11.45 -4.77
CA ARG B 238 -25.46 11.14 -3.55
C ARG B 238 -25.97 12.41 -2.85
N PHE B 239 -25.14 13.45 -2.77
CA PHE B 239 -25.46 14.58 -1.92
C PHE B 239 -25.79 15.84 -2.70
N GLN B 240 -25.41 15.91 -3.95
CA GLN B 240 -25.69 17.07 -4.79
C GLN B 240 -26.84 16.80 -5.73
N GLY B 241 -27.48 15.65 -5.60
CA GLY B 241 -28.73 15.40 -6.30
C GLY B 241 -28.66 15.32 -7.81
N LEU B 242 -27.51 14.92 -8.35
CA LEU B 242 -27.36 14.88 -9.80
C LEU B 242 -28.12 13.70 -10.41
N GLY B 243 -28.74 13.94 -11.55
CA GLY B 243 -29.55 12.93 -12.19
C GLY B 243 -28.73 11.98 -13.05
N VAL B 244 -27.87 11.21 -12.41
CA VAL B 244 -27.04 10.24 -13.12
C VAL B 244 -27.12 8.93 -12.39
N PRO B 245 -26.94 7.80 -13.03
CA PRO B 245 -27.02 6.53 -12.32
C PRO B 245 -25.80 6.31 -11.44
N SER B 246 -26.02 5.45 -10.44
CA SER B 246 -24.95 4.86 -9.68
C SER B 246 -24.37 3.67 -10.45
N LEU B 247 -23.18 3.23 -10.03
CA LEU B 247 -22.60 2.06 -10.68
C LEU B 247 -23.52 0.86 -10.51
N LYS B 248 -24.10 0.70 -9.32
CA LYS B 248 -25.08 -0.36 -9.09
C LYS B 248 -26.23 -0.31 -10.09
N GLU B 249 -26.82 0.87 -10.29
CA GLU B 249 -27.95 0.96 -11.21
C GLU B 249 -27.56 0.51 -12.63
N MET B 250 -26.36 0.87 -13.07
CA MET B 250 -25.89 0.43 -14.38
C MET B 250 -25.71 -1.08 -14.43
N VAL B 251 -25.10 -1.64 -13.39
CA VAL B 251 -24.91 -3.10 -13.36
C VAL B 251 -26.25 -3.82 -13.31
N GLN B 252 -27.23 -3.29 -12.59
CA GLN B 252 -28.53 -3.94 -12.51
C GLN B 252 -29.19 -4.06 -13.88
N ALA B 253 -28.97 -3.07 -14.76
CA ALA B 253 -29.49 -3.15 -16.11
C ALA B 253 -28.69 -4.13 -16.96
N ALA B 254 -27.39 -4.21 -16.75
CA ALA B 254 -26.55 -5.00 -17.65
C ALA B 254 -26.64 -6.48 -17.36
N LEU B 255 -26.62 -6.84 -16.10
CA LEU B 255 -26.40 -8.24 -15.73
C LEU B 255 -27.50 -9.15 -16.24
N PRO B 256 -28.79 -8.85 -16.08
CA PRO B 256 -29.80 -9.80 -16.59
C PRO B 256 -29.83 -9.89 -18.10
N ARG B 257 -29.46 -8.82 -18.81
CA ARG B 257 -29.38 -8.89 -20.26
C ARG B 257 -28.30 -9.86 -20.69
N LEU B 258 -27.13 -9.77 -20.05
CA LEU B 258 -26.02 -10.65 -20.40
C LEU B 258 -26.31 -12.08 -20.00
N ALA B 259 -27.02 -12.27 -18.88
CA ALA B 259 -27.27 -13.61 -18.35
C ALA B 259 -28.28 -14.37 -19.17
N ALA B 260 -29.07 -13.67 -19.98
CA ALA B 260 -30.06 -14.31 -20.85
C ALA B 260 -29.43 -14.98 -22.07
N HIS B 261 -28.23 -14.58 -22.46
CA HIS B 261 -27.58 -15.09 -23.65
C HIS B 261 -27.22 -16.56 -23.48
N ARG B 262 -27.58 -17.39 -24.47
CA ARG B 262 -27.47 -18.83 -24.26
C ARG B 262 -26.01 -19.28 -24.22
N GLY B 263 -25.14 -18.58 -24.92
CA GLY B 263 -23.75 -18.94 -24.96
C GLY B 263 -22.91 -18.48 -23.81
N GLY B 264 -23.51 -17.84 -22.80
CA GLY B 264 -22.76 -17.30 -21.69
C GLY B 264 -22.29 -15.89 -21.97
N PHE B 265 -21.57 -15.32 -21.01
CA PHE B 265 -21.21 -13.92 -21.14
C PHE B 265 -19.92 -13.59 -20.42
N VAL B 266 -19.29 -12.52 -20.88
CA VAL B 266 -18.22 -11.86 -20.15
C VAL B 266 -18.65 -10.43 -19.89
N LEU B 267 -18.27 -9.91 -18.72
CA LEU B 267 -18.66 -8.58 -18.31
C LEU B 267 -17.51 -7.91 -17.57
N GLN B 268 -17.23 -6.67 -17.94
CA GLN B 268 -16.34 -5.80 -17.19
C GLN B 268 -17.18 -4.74 -16.48
N VAL B 269 -17.01 -4.65 -15.17
CA VAL B 269 -17.52 -3.56 -14.35
C VAL B 269 -16.32 -2.77 -13.87
N GLU B 270 -16.35 -1.46 -14.07
CA GLU B 270 -15.24 -0.63 -13.65
C GLU B 270 -15.68 0.44 -12.67
N ALA B 271 -15.14 0.39 -11.46
CA ALA B 271 -15.19 1.49 -10.51
C ALA B 271 -14.06 2.42 -10.90
N GLY B 272 -14.28 3.18 -11.96
CA GLY B 272 -13.18 3.83 -12.65
C GLY B 272 -12.75 5.14 -12.07
N ARG B 273 -13.51 5.73 -11.15
CA ARG B 273 -13.19 7.06 -10.67
C ARG B 273 -12.59 7.06 -9.26
N ILE B 274 -12.41 5.88 -8.65
CA ILE B 274 -11.50 5.79 -7.51
C ILE B 274 -10.18 6.41 -7.90
N ASP B 275 -9.68 6.04 -9.07
CA ASP B 275 -8.47 6.63 -9.61
C ASP B 275 -8.58 8.16 -9.67
N HIS B 276 -9.66 8.66 -10.24
CA HIS B 276 -9.72 10.11 -10.44
C HIS B 276 -9.75 10.84 -9.11
N ALA B 277 -10.49 10.30 -8.14
CA ALA B 277 -10.50 10.91 -6.80
C ALA B 277 -9.10 10.94 -6.20
N ASN B 278 -8.37 9.84 -6.32
CA ASN B 278 -7.01 9.81 -5.76
C ASN B 278 -6.09 10.78 -6.50
N HIS B 279 -6.31 10.93 -7.81
CA HIS B 279 -5.61 11.96 -8.56
C HIS B 279 -5.89 13.35 -7.96
N LEU B 280 -7.15 13.63 -7.67
CA LEU B 280 -7.49 14.90 -7.05
C LEU B 280 -6.91 15.06 -5.66
N ASN B 281 -6.53 13.96 -4.98
CA ASN B 281 -6.19 13.99 -3.56
C ASN B 281 -7.43 14.32 -2.71
N ASP B 282 -8.57 13.79 -3.12
CA ASP B 282 -9.84 14.00 -2.43
C ASP B 282 -10.30 12.69 -1.79
N ALA B 283 -9.99 12.53 -0.50
CA ALA B 283 -10.21 11.26 0.18
C ALA B 283 -11.69 10.98 0.35
N GLY B 284 -12.49 12.03 0.54
CA GLY B 284 -13.91 11.81 0.67
C GLY B 284 -14.55 11.35 -0.62
N ALA B 285 -14.06 11.84 -1.75
CA ALA B 285 -14.60 11.37 -3.02
C ALA B 285 -14.15 9.92 -3.29
N THR B 286 -12.92 9.59 -2.92
CA THR B 286 -12.44 8.23 -3.04
C THR B 286 -13.27 7.27 -2.20
N LEU B 287 -13.52 7.64 -0.95
CA LEU B 287 -14.32 6.82 -0.06
C LEU B 287 -15.65 6.45 -0.70
N TRP B 288 -16.37 7.45 -1.22
CA TRP B 288 -17.72 7.16 -1.64
C TRP B 288 -17.73 6.34 -2.93
N ASP B 289 -16.72 6.49 -3.80
CA ASP B 289 -16.67 5.62 -4.97
C ASP B 289 -16.27 4.19 -4.60
N VAL B 290 -15.45 4.03 -3.56
CA VAL B 290 -15.21 2.70 -3.02
C VAL B 290 -16.48 2.11 -2.41
N LEU B 291 -17.23 2.92 -1.68
CA LEU B 291 -18.46 2.40 -1.11
C LEU B 291 -19.47 2.07 -2.21
N ALA B 292 -19.51 2.89 -3.27
CA ALA B 292 -20.41 2.58 -4.37
C ALA B 292 -20.00 1.28 -5.05
N ALA B 293 -18.69 1.07 -5.20
CA ALA B 293 -18.20 -0.23 -5.68
C ALA B 293 -18.63 -1.36 -4.75
N ASP B 294 -18.63 -1.11 -3.44
CA ASP B 294 -18.99 -2.16 -2.48
C ASP B 294 -20.45 -2.59 -2.67
N GLU B 295 -21.35 -1.65 -2.97
CA GLU B 295 -22.73 -2.06 -3.22
C GLU B 295 -22.81 -2.97 -4.43
N VAL B 296 -21.99 -2.70 -5.44
CA VAL B 296 -21.94 -3.50 -6.65
C VAL B 296 -21.38 -4.87 -6.34
N LEU B 297 -20.33 -4.91 -5.53
CA LEU B 297 -19.79 -6.18 -5.08
C LEU B 297 -20.87 -7.06 -4.48
N GLU B 298 -21.76 -6.49 -3.65
CA GLU B 298 -22.80 -7.32 -3.05
C GLU B 298 -23.70 -7.89 -4.13
N LEU B 299 -23.97 -7.10 -5.16
CA LEU B 299 -24.77 -7.54 -6.28
C LEU B 299 -24.07 -8.64 -7.09
N LEU B 300 -22.79 -8.44 -7.39
CA LEU B 300 -22.08 -9.45 -8.19
C LEU B 300 -21.94 -10.76 -7.43
N THR B 301 -21.60 -10.72 -6.13
CA THR B 301 -21.41 -11.99 -5.43
C THR B 301 -22.75 -12.73 -5.29
N ALA B 302 -23.84 -12.00 -5.14
CA ALA B 302 -25.14 -12.67 -5.10
C ALA B 302 -25.46 -13.31 -6.46
N PHE B 303 -25.07 -12.66 -7.55
CA PHE B 303 -25.24 -13.29 -8.85
C PHE B 303 -24.42 -14.58 -8.93
N VAL B 304 -23.15 -14.52 -8.49
CA VAL B 304 -22.33 -15.73 -8.53
C VAL B 304 -22.94 -16.81 -7.63
N ASP B 305 -23.46 -16.42 -6.47
CA ASP B 305 -24.00 -17.45 -5.58
C ASP B 305 -25.11 -18.24 -6.26
N ARG B 306 -25.90 -17.58 -7.12
CA ARG B 306 -26.98 -18.19 -7.87
C ARG B 306 -26.51 -18.83 -9.17
N ASN B 307 -25.31 -18.49 -9.66
CA ASN B 307 -24.79 -18.97 -10.95
C ASN B 307 -23.38 -19.49 -10.80
N PRO B 308 -23.23 -20.69 -10.25
CA PRO B 308 -21.87 -21.23 -10.01
C PRO B 308 -21.07 -21.46 -11.28
N ASP B 309 -21.70 -21.47 -12.47
CA ASP B 309 -20.92 -21.48 -13.71
C ASP B 309 -20.19 -20.10 -13.98
N THR B 310 -20.19 -19.19 -13.00
CA THR B 310 -19.68 -17.83 -13.20
C THR B 310 -18.53 -17.55 -12.24
N LEU B 311 -17.44 -17.04 -12.79
CA LEU B 311 -16.32 -16.58 -11.98
C LEU B 311 -16.31 -15.07 -11.91
N LEU B 312 -16.07 -14.56 -10.71
CA LEU B 312 -15.85 -13.14 -10.46
C LEU B 312 -14.40 -12.92 -10.08
N ILE B 313 -13.73 -12.06 -10.83
CA ILE B 313 -12.42 -11.53 -10.53
C ILE B 313 -12.58 -10.08 -10.10
N VAL B 314 -12.01 -9.74 -8.94
CA VAL B 314 -11.99 -8.37 -8.43
C VAL B 314 -10.54 -7.95 -8.33
N VAL B 315 -10.19 -6.86 -9.00
CA VAL B 315 -8.78 -6.55 -9.16
C VAL B 315 -8.60 -5.05 -9.29
N SER B 316 -7.57 -4.53 -8.65
CA SER B 316 -7.14 -3.16 -8.87
C SER B 316 -6.14 -3.16 -10.03
N ASP B 317 -6.16 -2.09 -10.84
CA ASP B 317 -5.23 -2.07 -11.97
C ASP B 317 -3.93 -1.38 -11.63
N HIS B 318 -3.94 -0.57 -10.57
CA HIS B 318 -2.73 -0.03 -9.99
C HIS B 318 -3.20 0.85 -8.84
N ALA B 319 -2.26 1.21 -7.99
CA ALA B 319 -2.49 2.18 -6.93
C ALA B 319 -2.32 3.58 -7.47
N THR B 320 -3.06 4.51 -6.87
CA THR B 320 -2.95 5.92 -7.21
C THR B 320 -2.93 6.79 -5.97
N GLY B 321 -2.01 7.78 -5.99
CA GLY B 321 -1.87 8.72 -4.90
C GLY B 321 -0.55 8.54 -4.21
N VAL B 322 -0.51 7.82 -3.05
CA VAL B 322 -1.67 7.25 -2.39
C VAL B 322 -2.12 8.02 -1.15
N GLY B 323 -3.41 7.91 -0.85
CA GLY B 323 -4.02 8.67 0.24
C GLY B 323 -4.15 7.88 1.53
N GLY B 324 -3.18 8.04 2.42
CA GLY B 324 -3.10 7.25 3.64
C GLY B 324 -3.56 8.05 4.85
N LEU B 325 -4.46 7.44 5.62
CA LEU B 325 -4.75 7.91 6.97
C LEU B 325 -3.49 7.73 7.81
N TYR B 326 -3.01 8.82 8.38
CA TYR B 326 -1.70 8.80 9.03
C TYR B 326 -1.79 9.09 10.53
N GLY B 327 -0.71 8.73 11.23
CA GLY B 327 -0.64 8.87 12.68
C GLY B 327 -0.79 10.31 13.13
N ALA B 328 -1.75 10.57 14.01
CA ALA B 328 -2.06 11.91 14.49
C ALA B 328 -2.30 11.90 15.98
N GLY B 329 -1.73 12.90 16.67
CA GLY B 329 -1.90 13.03 18.10
C GLY B 329 -0.84 12.27 18.87
N ARG B 330 -0.83 12.50 20.18
CA ARG B 330 0.08 11.81 21.08
C ARG B 330 -0.05 10.30 20.88
N SER B 331 1.07 9.63 20.72
CA SER B 331 1.11 8.19 20.48
C SER B 331 0.16 7.77 19.36
N TYR B 332 -0.12 8.68 18.42
CA TYR B 332 -1.03 8.47 17.29
C TYR B 332 -2.45 8.11 17.72
N LEU B 333 -2.77 8.40 18.98
CA LEU B 333 -4.06 7.98 19.56
C LEU B 333 -5.25 8.69 18.97
N GLU B 334 -5.08 9.80 18.26
CA GLU B 334 -6.21 10.52 17.70
C GLU B 334 -6.41 10.24 16.21
N SER B 335 -5.80 9.18 15.69
CA SER B 335 -5.77 9.00 14.24
C SER B 335 -7.13 8.64 13.65
N SER B 336 -8.03 8.06 14.41
CA SER B 336 -9.32 7.75 13.81
C SER B 336 -10.17 8.98 13.55
N GLN B 337 -9.79 10.15 14.06
CA GLN B 337 -10.61 11.34 13.82
C GLN B 337 -10.77 11.62 12.32
N GLY B 338 -9.73 11.38 11.52
CA GLY B 338 -9.84 11.62 10.09
C GLY B 338 -10.96 10.83 9.43
N VAL B 339 -11.22 9.62 9.92
CA VAL B 339 -12.33 8.85 9.38
C VAL B 339 -13.63 9.58 9.68
N ASP B 340 -13.80 9.98 10.94
CA ASP B 340 -14.97 10.77 11.31
C ASP B 340 -15.10 12.04 10.47
N LEU B 341 -13.99 12.74 10.25
CA LEU B 341 -14.03 13.99 9.50
C LEU B 341 -14.44 13.84 8.03
N LEU B 342 -14.67 12.63 7.55
CA LEU B 342 -15.12 12.45 6.17
C LEU B 342 -16.65 12.49 6.06
N GLU B 343 -17.33 12.15 7.16
CA GLU B 343 -18.79 12.04 7.10
C GLU B 343 -19.48 13.35 6.78
N PRO B 344 -18.95 14.51 7.11
CA PRO B 344 -19.62 15.76 6.75
C PRO B 344 -19.41 16.18 5.31
N GLN B 345 -18.47 15.58 4.60
CA GLN B 345 -18.23 15.94 3.21
C GLN B 345 -19.46 15.69 2.36
N ARG B 346 -19.72 16.63 1.45
CA ARG B 346 -20.92 16.54 0.64
C ARG B 346 -20.67 16.72 -0.86
N ALA B 347 -19.44 16.97 -1.28
CA ALA B 347 -19.15 17.03 -2.71
C ALA B 347 -17.65 16.82 -2.91
N SER B 348 -17.29 16.55 -4.16
CA SER B 348 -15.89 16.39 -4.55
C SER B 348 -15.26 17.73 -4.88
N PHE B 349 -13.91 17.72 -4.98
CA PHE B 349 -13.19 18.90 -5.46
C PHE B 349 -13.60 19.26 -6.88
N GLU B 350 -13.98 18.25 -7.68
CA GLU B 350 -14.41 18.50 -9.05
C GLU B 350 -15.72 19.25 -9.07
N HIS B 351 -16.69 18.78 -8.29
CA HIS B 351 -17.94 19.50 -8.21
C HIS B 351 -17.75 20.88 -7.60
N MET B 352 -16.86 21.00 -6.59
CA MET B 352 -16.63 22.30 -5.99
C MET B 352 -16.02 23.28 -6.99
N LEU B 353 -15.08 22.79 -7.81
CA LEU B 353 -14.46 23.63 -8.81
C LEU B 353 -15.46 24.04 -9.87
N ARG B 354 -16.40 23.16 -10.19
CA ARG B 354 -17.52 23.51 -11.07
C ARG B 354 -18.28 24.69 -10.50
N VAL B 355 -18.69 24.60 -9.24
CA VAL B 355 -19.47 25.65 -8.60
C VAL B 355 -18.69 26.96 -8.55
N LEU B 356 -17.39 26.87 -8.31
CA LEU B 356 -16.61 28.05 -8.07
C LEU B 356 -16.32 28.83 -9.34
N GLY B 357 -16.48 28.20 -10.51
CA GLY B 357 -16.25 28.91 -11.74
C GLY B 357 -14.78 29.31 -11.87
N GLN B 358 -14.54 30.16 -12.87
CA GLN B 358 -13.17 30.45 -13.25
C GLN B 358 -12.57 31.65 -12.53
N ALA B 359 -13.39 32.52 -11.95
CA ALA B 359 -12.90 33.69 -11.20
C ALA B 359 -13.57 33.76 -9.84
N PRO B 360 -13.28 32.81 -8.96
CA PRO B 360 -13.86 32.86 -7.61
C PRO B 360 -13.14 33.86 -6.74
N GLU B 361 -13.87 34.37 -5.75
CA GLU B 361 -13.28 35.16 -4.69
C GLU B 361 -12.98 34.24 -3.51
N ALA B 362 -11.97 34.61 -2.72
CA ALA B 362 -11.65 33.85 -1.53
C ALA B 362 -12.90 33.53 -0.73
N SER B 363 -13.80 34.50 -0.60
CA SER B 363 -15.00 34.29 0.20
C SER B 363 -15.85 33.17 -0.39
N GLN B 364 -15.86 33.02 -1.70
CA GLN B 364 -16.59 31.93 -2.34
C GLN B 364 -15.87 30.61 -2.21
N VAL B 365 -14.53 30.62 -2.30
CA VAL B 365 -13.74 29.45 -1.98
C VAL B 365 -14.01 29.01 -0.55
N LYS B 366 -13.99 29.96 0.36
CA LYS B 366 -14.18 29.65 1.78
C LYS B 366 -15.56 29.09 2.02
N GLU B 367 -16.57 29.60 1.32
CA GLU B 367 -17.92 29.06 1.48
C GLU B 367 -18.03 27.65 0.91
N ALA B 368 -17.42 27.41 -0.25
CA ALA B 368 -17.51 26.07 -0.82
C ALA B 368 -16.91 25.03 0.13
N PHE B 369 -15.70 25.30 0.63
CA PHE B 369 -15.07 24.36 1.54
C PHE B 369 -15.91 24.13 2.79
N ARG B 370 -16.56 25.19 3.29
CA ARG B 370 -17.42 25.03 4.46
C ARG B 370 -18.60 24.13 4.14
N ALA B 371 -19.33 24.44 3.08
CA ALA B 371 -20.57 23.74 2.79
C ALA B 371 -20.34 22.33 2.23
N MET B 372 -19.23 22.09 1.55
CA MET B 372 -19.08 20.83 0.83
C MET B 372 -18.03 19.92 1.43
N LYS B 373 -17.03 20.46 2.11
CA LYS B 373 -16.06 19.68 2.84
C LYS B 373 -16.16 19.85 4.36
N GLY B 374 -17.03 20.71 4.86
CA GLY B 374 -17.07 20.95 6.31
C GLY B 374 -15.77 21.48 6.88
N VAL B 375 -15.02 22.26 6.11
CA VAL B 375 -13.73 22.80 6.53
C VAL B 375 -13.85 24.31 6.67
N ASP B 376 -13.20 24.87 7.70
CA ASP B 376 -13.14 26.31 7.93
C ASP B 376 -11.75 26.75 7.47
N LEU B 377 -11.66 27.32 6.27
CA LEU B 377 -10.37 27.74 5.74
C LEU B 377 -9.95 29.06 6.37
N GLU B 378 -8.65 29.17 6.61
CA GLU B 378 -8.09 30.47 6.94
C GLU B 378 -8.07 31.34 5.69
N ASP B 379 -7.84 32.64 5.91
CA ASP B 379 -7.79 33.54 4.77
C ASP B 379 -6.68 33.13 3.81
N ALA B 380 -5.51 32.77 4.34
CA ALA B 380 -4.37 32.46 3.51
C ALA B 380 -4.55 31.17 2.70
N GLU B 381 -5.28 30.20 3.28
CA GLU B 381 -5.58 28.97 2.58
C GLU B 381 -6.56 29.20 1.45
N ALA B 382 -7.62 29.95 1.72
CA ALA B 382 -8.54 30.30 0.65
C ALA B 382 -7.83 31.01 -0.49
N GLU B 383 -6.83 31.85 -0.17
CA GLU B 383 -6.18 32.62 -1.23
C GLU B 383 -5.31 31.72 -2.11
N ARG B 384 -4.65 30.72 -1.50
CA ARG B 384 -3.89 29.76 -2.28
C ARG B 384 -4.76 29.05 -3.32
N VAL B 385 -6.00 28.73 -2.96
CA VAL B 385 -6.92 28.10 -3.90
C VAL B 385 -7.23 29.06 -5.04
N VAL B 386 -7.60 30.30 -4.71
CA VAL B 386 -7.88 31.29 -5.75
C VAL B 386 -6.71 31.40 -6.71
N ARG B 387 -5.49 31.53 -6.17
CA ARG B 387 -4.33 31.68 -7.03
C ARG B 387 -4.09 30.43 -7.85
N ALA B 388 -4.46 29.26 -7.30
CA ALA B 388 -4.34 28.05 -8.09
C ALA B 388 -5.35 28.02 -9.23
N ILE B 389 -6.59 28.44 -8.95
CA ILE B 389 -7.63 28.37 -9.96
C ILE B 389 -7.39 29.40 -11.06
N ARG B 390 -7.02 30.64 -10.66
CA ARG B 390 -7.02 31.78 -11.59
C ARG B 390 -5.66 32.04 -12.22
N GLU B 391 -4.59 31.86 -11.45
CA GLU B 391 -3.25 32.16 -11.91
C GLU B 391 -2.41 30.92 -12.17
N LYS B 392 -2.94 29.73 -11.88
CA LYS B 392 -2.18 28.50 -12.05
C LYS B 392 -0.90 28.54 -11.22
N VAL B 393 -1.02 29.14 -10.04
CA VAL B 393 0.00 29.14 -9.00
C VAL B 393 -0.38 28.04 -8.01
N TYR B 394 0.54 27.10 -7.78
CA TYR B 394 0.25 25.86 -7.08
C TYR B 394 1.05 25.77 -5.81
N TRP B 395 0.46 25.21 -4.75
CA TRP B 395 1.15 25.12 -3.48
C TRP B 395 0.94 23.71 -2.88
N PRO B 396 2.02 23.06 -2.41
CA PRO B 396 3.38 23.62 -2.38
C PRO B 396 4.11 23.60 -3.71
N GLU B 397 3.69 22.78 -4.66
CA GLU B 397 4.31 22.71 -5.98
C GLU B 397 3.40 21.87 -6.87
N GLY B 398 3.86 21.66 -8.11
CA GLY B 398 2.96 21.15 -9.14
C GLY B 398 3.48 19.96 -9.93
N VAL B 399 4.54 19.35 -9.40
CA VAL B 399 5.20 18.22 -10.05
C VAL B 399 4.97 16.92 -9.28
N ARG B 400 5.43 16.86 -8.03
CA ARG B 400 5.04 15.78 -7.13
C ARG B 400 3.52 15.79 -6.98
N GLN B 401 2.94 16.96 -6.73
CA GLN B 401 1.49 17.14 -6.75
C GLN B 401 1.09 17.65 -8.12
N GLY B 402 1.04 16.72 -9.08
CA GLY B 402 0.86 16.99 -10.48
C GLY B 402 -0.54 17.20 -10.96
N VAL B 403 -1.53 17.19 -10.08
CA VAL B 403 -2.92 17.36 -10.49
C VAL B 403 -3.43 18.64 -9.83
N GLN B 404 -3.80 19.61 -10.65
CA GLN B 404 -4.02 20.97 -10.15
C GLN B 404 -5.23 21.55 -10.85
N PRO B 405 -5.99 22.41 -10.15
CA PRO B 405 -5.68 22.91 -8.80
C PRO B 405 -6.06 21.98 -7.63
N ALA B 406 -6.63 20.80 -7.91
CA ALA B 406 -7.14 19.94 -6.86
C ALA B 406 -6.11 19.64 -5.78
N ASN B 407 -4.88 19.27 -6.17
CA ASN B 407 -3.89 18.97 -5.14
C ASN B 407 -3.63 20.18 -4.24
N THR B 408 -3.70 21.41 -4.80
CA THR B 408 -3.56 22.60 -3.96
C THR B 408 -4.72 22.70 -2.99
N MET B 409 -5.93 22.41 -3.47
CA MET B 409 -7.10 22.41 -2.60
C MET B 409 -6.93 21.42 -1.45
N ALA B 410 -6.34 20.26 -1.72
CA ALA B 410 -6.12 19.29 -0.66
C ALA B 410 -5.18 19.87 0.38
N TRP B 411 -4.07 20.44 -0.05
CA TRP B 411 -3.13 21.03 0.89
C TRP B 411 -3.72 22.24 1.62
N ALA B 412 -4.65 22.96 0.99
CA ALA B 412 -5.30 24.08 1.66
C ALA B 412 -6.12 23.63 2.86
N MET B 413 -6.63 22.39 2.85
CA MET B 413 -7.39 21.86 3.96
C MET B 413 -6.61 20.83 4.75
N VAL B 414 -5.28 20.99 4.79
CA VAL B 414 -4.44 20.08 5.58
C VAL B 414 -4.76 20.20 7.06
N GLN B 415 -4.42 19.14 7.80
CA GLN B 415 -4.60 19.15 9.26
C GLN B 415 -3.70 20.23 9.86
N ARG B 416 -4.26 21.00 10.78
CA ARG B 416 -3.51 22.04 11.48
C ARG B 416 -3.33 21.77 12.97
N ASP B 417 -4.32 21.19 13.64
CA ASP B 417 -4.19 20.85 15.05
C ASP B 417 -3.45 19.53 15.22
N ALA B 418 -2.21 19.60 15.69
CA ALA B 418 -1.40 18.41 15.88
C ALA B 418 -1.83 17.57 17.07
N GLN B 419 -2.58 18.14 18.00
CA GLN B 419 -3.02 17.34 19.14
C GLN B 419 -4.23 16.49 18.75
N LYS B 420 -5.13 17.04 17.97
CA LYS B 420 -6.29 16.27 17.53
C LYS B 420 -6.81 16.79 16.19
N PRO B 421 -6.82 15.95 15.16
CA PRO B 421 -7.11 16.45 13.81
C PRO B 421 -8.39 17.28 13.74
N ASP B 422 -8.24 18.49 13.20
CA ASP B 422 -9.37 19.35 12.91
C ASP B 422 -9.84 19.22 11.47
N ARG B 423 -8.97 18.77 10.56
CA ARG B 423 -9.37 18.30 9.24
C ARG B 423 -8.74 16.92 9.01
N PRO B 424 -9.27 16.14 8.08
CA PRO B 424 -8.84 14.74 7.99
C PRO B 424 -7.33 14.60 7.91
N ASN B 425 -6.77 13.78 8.82
CA ASN B 425 -5.37 13.41 8.78
C ASN B 425 -5.12 12.32 7.74
N ILE B 426 -5.37 12.67 6.49
CA ILE B 426 -5.11 11.80 5.34
C ILE B 426 -4.15 12.59 4.45
N GLY B 427 -2.98 12.01 4.16
CA GLY B 427 -1.98 12.62 3.30
C GLY B 427 -1.82 11.85 2.00
N TRP B 428 -1.00 12.40 1.08
CA TRP B 428 -0.89 11.88 -0.27
C TRP B 428 0.55 11.87 -0.77
N SER B 429 0.99 10.72 -1.29
CA SER B 429 2.36 10.65 -1.80
C SER B 429 2.52 11.52 -3.03
N SER B 430 1.44 11.76 -3.76
CA SER B 430 1.54 12.38 -5.07
C SER B 430 0.14 12.54 -5.63
N GLY B 431 0.03 13.14 -6.80
CA GLY B 431 -1.20 13.22 -7.53
C GLY B 431 -1.28 12.19 -8.62
N GLN B 432 -0.40 11.20 -8.62
CA GLN B 432 -0.25 10.28 -9.73
C GLN B 432 -0.32 8.83 -9.27
N HIS B 433 -0.30 7.92 -10.25
CA HIS B 433 -0.22 6.49 -9.96
C HIS B 433 1.07 6.17 -9.22
N THR B 434 1.06 5.06 -8.48
CA THR B 434 2.25 4.55 -7.82
C THR B 434 2.56 3.12 -8.24
N ALA B 435 3.73 2.66 -7.80
CA ALA B 435 4.27 1.37 -8.18
C ALA B 435 3.78 0.20 -7.34
N SER B 436 3.04 0.46 -6.28
CA SER B 436 2.76 -0.57 -5.29
C SER B 436 1.97 -1.73 -5.91
N PRO B 437 2.26 -2.97 -5.52
CA PRO B 437 1.36 -4.06 -5.92
C PRO B 437 0.01 -3.87 -5.28
N VAL B 438 -1.02 -4.42 -5.92
CA VAL B 438 -2.40 -4.17 -5.55
C VAL B 438 -3.22 -5.45 -5.56
N MET B 439 -4.49 -5.29 -5.18
CA MET B 439 -5.40 -6.37 -4.88
C MET B 439 -5.80 -7.17 -6.11
N LEU B 440 -5.82 -8.50 -5.94
CA LEU B 440 -6.44 -9.45 -6.88
C LEU B 440 -7.19 -10.48 -6.05
N LEU B 441 -8.45 -10.66 -6.38
CA LEU B 441 -9.37 -11.44 -5.56
C LEU B 441 -10.25 -12.26 -6.49
N LEU B 442 -10.49 -13.51 -6.10
CA LEU B 442 -11.27 -14.45 -6.88
C LEU B 442 -12.47 -14.91 -6.08
N TYR B 443 -13.66 -14.79 -6.67
CA TYR B 443 -14.90 -15.15 -6.01
C TYR B 443 -15.63 -16.13 -6.90
N GLY B 444 -15.68 -17.37 -6.47
CA GLY B 444 -16.22 -18.41 -7.32
C GLY B 444 -16.37 -19.67 -6.52
N GLN B 445 -16.86 -20.69 -7.21
CA GLN B 445 -17.10 -22.00 -6.62
C GLN B 445 -15.88 -22.87 -6.86
N GLY B 446 -15.43 -23.55 -5.81
CA GLY B 446 -14.40 -24.58 -5.94
C GLY B 446 -12.97 -24.10 -5.93
N LEU B 447 -12.68 -22.94 -5.35
CA LEU B 447 -11.35 -22.33 -5.41
C LEU B 447 -10.63 -22.42 -4.08
N ARG B 448 -11.13 -23.21 -3.14
CA ARG B 448 -10.58 -23.18 -1.79
C ARG B 448 -9.07 -23.45 -1.78
N PHE B 449 -8.57 -24.21 -2.75
CA PHE B 449 -7.15 -24.57 -2.79
C PHE B 449 -6.31 -23.67 -3.71
N VAL B 450 -6.85 -22.56 -4.17
CA VAL B 450 -6.06 -21.65 -5.00
C VAL B 450 -5.26 -20.73 -4.10
N ASN B 451 -3.94 -20.76 -4.21
CA ASN B 451 -3.04 -19.90 -3.46
C ASN B 451 -2.39 -18.92 -4.42
N LEU B 452 -2.77 -17.66 -4.37
CA LEU B 452 -2.31 -16.73 -5.41
C LEU B 452 -0.88 -16.24 -5.14
N GLY B 453 -0.64 -15.60 -4.00
CA GLY B 453 0.64 -14.99 -3.78
C GLY B 453 0.77 -13.74 -4.64
N LEU B 454 2.00 -13.31 -4.87
CA LEU B 454 2.29 -12.20 -5.76
C LEU B 454 2.49 -12.72 -7.18
N VAL B 455 1.62 -12.30 -8.09
CA VAL B 455 1.71 -12.65 -9.50
C VAL B 455 1.89 -11.36 -10.30
N ASP B 456 2.22 -11.52 -11.56
CA ASP B 456 2.30 -10.36 -12.46
C ASP B 456 0.90 -10.01 -12.92
N ASN B 457 0.68 -8.75 -13.30
CA ASN B 457 -0.67 -8.40 -13.73
C ASN B 457 -1.05 -9.17 -14.99
N THR B 458 -0.05 -9.57 -15.82
CA THR B 458 -0.34 -10.37 -17.02
C THR B 458 -0.96 -11.73 -16.68
N HIS B 459 -0.80 -12.18 -15.44
CA HIS B 459 -1.45 -13.43 -15.08
C HIS B 459 -2.96 -13.35 -15.10
N VAL B 460 -3.54 -12.15 -14.96
CA VAL B 460 -5.00 -12.08 -15.03
C VAL B 460 -5.48 -12.60 -16.38
N PHE B 461 -4.70 -12.33 -17.45
CA PHE B 461 -5.02 -12.87 -18.77
C PHE B 461 -5.06 -14.38 -18.77
N ARG B 462 -4.07 -15.00 -18.13
CA ARG B 462 -4.05 -16.46 -18.09
C ARG B 462 -5.23 -17.00 -17.28
N LEU B 463 -5.58 -16.31 -16.19
CA LEU B 463 -6.72 -16.75 -15.37
C LEU B 463 -8.01 -16.68 -16.18
N MET B 464 -8.21 -15.60 -16.95
CA MET B 464 -9.43 -15.52 -17.76
C MET B 464 -9.44 -16.62 -18.82
N GLY B 465 -8.29 -16.84 -19.46
CA GLY B 465 -8.24 -17.85 -20.51
C GLY B 465 -8.50 -19.24 -19.98
N GLU B 466 -7.90 -19.56 -18.83
CA GLU B 466 -8.16 -20.85 -18.18
C GLU B 466 -9.64 -21.00 -17.86
N ALA B 467 -10.21 -19.97 -17.22
CA ALA B 467 -11.60 -20.03 -16.78
C ALA B 467 -12.55 -20.41 -17.90
N LEU B 468 -12.34 -19.88 -19.09
CA LEU B 468 -13.26 -20.12 -20.18
C LEU B 468 -12.74 -21.10 -21.21
N GLY B 469 -11.58 -21.71 -20.97
CA GLY B 469 -11.00 -22.57 -22.00
C GLY B 469 -10.66 -21.83 -23.28
N LEU B 470 -10.30 -20.54 -23.15
CA LEU B 470 -9.99 -19.71 -24.32
C LEU B 470 -8.55 -19.20 -24.26
N ARG B 471 -7.62 -20.09 -23.96
CA ARG B 471 -6.24 -19.65 -23.91
C ARG B 471 -5.72 -19.41 -25.32
N TYR B 472 -4.98 -18.34 -25.49
CA TYR B 472 -4.26 -18.05 -26.73
C TYR B 472 -3.14 -17.11 -26.34
N GLN B 473 -2.32 -16.73 -27.30
CA GLN B 473 -1.18 -15.89 -26.98
CA GLN B 473 -1.14 -15.93 -27.02
C GLN B 473 -1.16 -14.66 -27.87
N ASN B 474 -0.55 -13.62 -27.34
CA ASN B 474 -0.28 -12.39 -28.07
C ASN B 474 1.23 -12.21 -28.14
N PRO B 475 1.71 -11.48 -29.12
CA PRO B 475 3.15 -11.28 -29.28
C PRO B 475 3.74 -10.43 -28.16
N VAL B 476 4.95 -10.77 -27.80
CA VAL B 476 5.71 -10.12 -26.76
C VAL B 476 6.66 -9.10 -27.39
N MET B 477 6.82 -7.96 -26.73
CA MET B 477 7.85 -6.98 -27.03
C MET B 477 8.78 -6.88 -25.82
N SER B 478 10.08 -6.78 -26.09
CA SER B 478 11.07 -6.68 -25.03
C SER B 478 11.25 -5.23 -24.61
N GLU B 479 11.75 -5.07 -23.39
CA GLU B 479 12.00 -3.74 -22.87
C GLU B 479 13.01 -2.98 -23.73
N GLU B 480 14.06 -3.67 -24.18
CA GLU B 480 15.06 -3.04 -25.05
C GLU B 480 14.41 -2.56 -26.36
N GLU B 481 13.63 -3.43 -27.01
CA GLU B 481 12.91 -3.02 -28.21
C GLU B 481 12.09 -1.77 -27.94
N ALA B 482 11.28 -1.81 -26.87
CA ALA B 482 10.39 -0.70 -26.58
C ALA B 482 11.16 0.58 -26.38
N LEU B 483 12.26 0.52 -25.64
CA LEU B 483 13.04 1.73 -25.36
C LEU B 483 13.61 2.29 -26.65
N GLU B 484 14.04 1.42 -27.56
CA GLU B 484 14.49 1.90 -28.87
C GLU B 484 13.39 2.68 -29.57
N ILE B 485 12.21 2.07 -29.70
CA ILE B 485 11.09 2.76 -30.34
C ILE B 485 10.85 4.12 -29.69
N LEU B 486 10.83 4.18 -28.36
CA LEU B 486 10.47 5.42 -27.69
C LEU B 486 11.53 6.49 -27.94
N LYS B 487 12.80 6.09 -27.95
CA LYS B 487 13.88 7.00 -28.33
C LYS B 487 13.51 7.74 -29.61
N ALA B 488 13.16 6.97 -30.66
CA ALA B 488 12.97 7.45 -32.02
C ALA B 488 11.67 8.21 -32.24
N ARG B 489 10.98 8.67 -31.21
CA ARG B 489 9.70 9.35 -31.40
C ARG B 489 9.92 10.83 -31.71
#